data_5G5H
#
_entry.id   5G5H
#
_cell.length_a   109.839
_cell.length_b   78.263
_cell.length_c   151.732
_cell.angle_alpha   90.00
_cell.angle_beta   99.93
_cell.angle_gamma   90.00
#
_symmetry.space_group_name_H-M   'C 1 2 1'
#
loop_
_entity.id
_entity.type
_entity.pdbx_description
1 polymer 'Aldehyde oxidoreductase iron-sulfur-binding subunit PaoA'
2 polymer 'Aldehyde oxidoreductase FAD-binding subunit PaoB'
3 polymer 'Aldehyde oxidoreductase molybdenum-binding subunit PaoC'
4 non-polymer 'FE2/S2 (INORGANIC) CLUSTER'
5 non-polymer 'IODIDE ION'
6 non-polymer 'ACETATE ION'
7 non-polymer 'CHLORIDE ION'
8 non-polymer 'IRON/SULFUR CLUSTER'
9 non-polymer 'FLAVIN-ADENINE DINUCLEOTIDE'
10 non-polymer 'PTERIN CYTOSINE DINUCLEOTIDE'
11 non-polymer 'DIOXOTHIOMOLYBDENUM(VI) ION'
12 non-polymer GLYCEROL
13 water water
#
loop_
_entity_poly.entity_id
_entity_poly.type
_entity_poly.pdbx_seq_one_letter_code
_entity_poly.pdbx_strand_id
1 'polypeptide(L)'
;MSNQGEYPEDNRVGKHEPHDLSLTRRDLIKVSAATAATAVVYPHSTLAASVPAATPAPEIMPLTLKVNGKTEQLEVDTRT
TLLDTLRENLHLIGTKKGCDHGQCGACTVLVNGRRLNACLTLAVMHQGAEITTIEGLGSPDNLHPMQAAFIKHDGFQCGY
CTSGQICSSVAVLKEIQDGIPSHVTVDLVSAPETTADEIRERMSGNICRCGAYANILAAIEDAAGEIKS
;
A
2 'polypeptide(L)'
;MKAFTYERVNTPAEAALSAQRVPGAKFIAGGTNLLDLMKLEIETPTHLIDVNGLGLDKIEVTDAGGLRIGALVRNTDLAA
HERVRRDYAVLSRALLAGASGQLRNQATTAGNLLQRTRCPYFYDTNQPCNKRLPGSGCAALEGFSRQHAVVGVSEACIAT
HPSDMAVAMRLLDAVVETITPEGKTRSITLADFYHPPGKTPHIETALLPGELIVAVTLPPPLGGKHIYRKVRDRASYAFA
LVSVAAIIQPDGSGRVALGGVAHKPWRIEAADAQLSQGAQAVYDTLFASAHPTAENTFKLLLAKRTLASVLAEARAQA
;
B
3 'polypeptide(L)'
;MKFDKPAGENPIDQLKVVGRPHDRIDGPLKTTGTARYAYEWHEEAPNAAYGYIVGSAIAKGRLTALDTDAAQKAPGVLAV
ITASNAGVLGKGDKNTARLLGGPTIEHYHQAIALVVAETFEQARAAASLVQAHYRRNKGAYSLADEKQAVNQPPEDTPDK
NVGDFDGAFTSAAVKIDATYTTPDQSHMAMEPHASMAVWDGNKLTLWTSNQMIDWCRTDLAKTLKVPVENVRIISPYIGG
GFGGKLFLRSDALLAALAARAVKRPVKVMLPRPSIPNNTTHRPATLQHLRIGADQSGKITAISHESWSGNLPGGTPETAV
QQSELLYAGANRHTGLRLATLDLPEGNAMRAPGEAPGLMALEIAIDELAEKAGIDPVEFRILNDTQVDPAGPTR(CSD)F
SRRQLIECLRTGADKFGWKQRNATPGQVRDGEWLVGHGVAAGFHNNLLEKSGARVHLEQNGTVTVETDMTDIGTGSYTIL
AQTAAEMLGVPLEQVAVHLGDSSFPVSAGSGGQWGANTSTSGVYAACMKLREMIASAVGFDPEQSQFADGKITNGTRSAT
LHEATAGGRLTAEESIEFGTLSKEYQQSTFAGHFVEVGVHSATGEVRVRRMLAVCAAGRILNPKTARSQVIGAMTMGMGA
ALMEELAVDDRLGYFVNHDMAGYEVPVHADIPKQEVIFLDDTDPISSPMKAKGVGELGLCGVSAAIANAVYNATGIRVRD
YPITLDKLLDKLPDVV
;
C
#
# COMPACT_ATOMS: atom_id res chain seq x y z
N ALA A 53 -30.84 2.89 17.36
CA ALA A 53 -31.85 3.86 17.89
C ALA A 53 -31.26 5.24 18.25
N ALA A 54 -30.05 5.25 18.81
CA ALA A 54 -29.40 6.48 19.29
C ALA A 54 -27.93 6.23 19.53
N THR A 55 -27.16 7.32 19.67
CA THR A 55 -25.73 7.27 20.05
C THR A 55 -25.52 8.43 21.02
N PRO A 56 -24.67 8.26 22.05
CA PRO A 56 -24.57 9.30 23.07
C PRO A 56 -23.83 10.56 22.64
N ALA A 57 -24.09 11.65 23.37
CA ALA A 57 -23.46 12.95 23.13
C ALA A 57 -21.98 12.94 23.47
N PRO A 58 -21.18 13.76 22.79
CA PRO A 58 -19.78 13.90 23.15
C PRO A 58 -19.57 14.19 24.63
N GLU A 59 -18.63 13.47 25.24
CA GLU A 59 -18.09 13.86 26.53
C GLU A 59 -16.93 14.81 26.26
N ILE A 60 -17.06 16.05 26.74
CA ILE A 60 -16.02 17.07 26.55
C ILE A 60 -15.18 17.26 27.82
N MET A 61 -13.85 17.27 27.66
CA MET A 61 -12.92 17.43 28.76
C MET A 61 -11.77 18.38 28.39
N PRO A 62 -11.34 19.21 29.37
CA PRO A 62 -10.14 20.01 29.17
C PRO A 62 -8.90 19.11 29.01
N LEU A 63 -7.91 19.62 28.29
CA LEU A 63 -6.71 18.86 27.95
C LEU A 63 -5.53 19.83 27.76
N THR A 64 -4.42 19.58 28.46
CA THR A 64 -3.17 20.31 28.20
C THR A 64 -2.15 19.37 27.54
N LEU A 65 -1.68 19.74 26.35
CA LEU A 65 -0.57 19.06 25.69
C LEU A 65 0.55 20.08 25.46
N LYS A 66 1.80 19.61 25.48
CA LYS A 66 2.94 20.39 25.01
C LYS A 66 3.34 19.89 23.62
N VAL A 67 3.00 20.65 22.57
CA VAL A 67 3.22 20.22 21.20
C VAL A 67 4.31 21.07 20.55
N ASN A 68 5.43 20.43 20.20
CA ASN A 68 6.57 21.12 19.58
C ASN A 68 7.04 22.30 20.42
N GLY A 69 7.16 22.06 21.71
CA GLY A 69 7.56 23.09 22.67
C GLY A 69 6.46 24.05 23.17
N LYS A 70 5.28 24.03 22.56
CA LYS A 70 4.25 25.05 22.79
C LYS A 70 3.12 24.50 23.65
N THR A 71 2.73 25.25 24.70
CA THR A 71 1.62 24.83 25.57
C THR A 71 0.26 25.08 24.87
N GLU A 72 -0.46 23.99 24.62
CA GLU A 72 -1.81 24.05 24.06
C GLU A 72 -2.83 23.70 25.13
N GLN A 73 -3.92 24.47 25.21
CA GLN A 73 -5.00 24.19 26.15
C GLN A 73 -6.31 23.96 25.38
N LEU A 74 -6.77 22.70 25.35
CA LEU A 74 -7.92 22.28 24.53
C LEU A 74 -9.10 21.78 25.35
N GLU A 75 -10.26 21.73 24.69
CA GLU A 75 -11.42 21.00 25.16
C GLU A 75 -11.78 19.99 24.09
N VAL A 76 -11.64 18.71 24.41
CA VAL A 76 -11.81 17.66 23.39
C VAL A 76 -12.89 16.67 23.74
N ASP A 77 -13.57 16.20 22.70
CA ASP A 77 -14.35 14.97 22.74
C ASP A 77 -13.42 13.84 23.23
N THR A 78 -13.82 13.09 24.26
CA THR A 78 -12.99 11.98 24.78
C THR A 78 -12.54 10.94 23.75
N ARG A 79 -13.32 10.79 22.67
CA ARG A 79 -13.04 9.84 21.59
C ARG A 79 -11.89 10.24 20.69
N THR A 80 -11.53 11.53 20.69
CA THR A 80 -10.56 12.08 19.75
C THR A 80 -9.19 11.44 19.92
N THR A 81 -8.66 10.93 18.84
CA THR A 81 -7.32 10.39 18.88
C THR A 81 -6.31 11.55 18.94
N LEU A 82 -5.10 11.26 19.40
CA LEU A 82 -4.00 12.21 19.24
C LEU A 82 -3.84 12.65 17.78
N LEU A 83 -4.05 11.75 16.85
CA LEU A 83 -3.93 12.10 15.43
C LEU A 83 -4.89 13.25 15.07
N ASP A 84 -6.18 13.04 15.36
CA ASP A 84 -7.19 14.03 14.97
C ASP A 84 -7.10 15.31 15.77
N THR A 85 -6.60 15.22 17.00
CA THR A 85 -6.31 16.42 17.79
C THR A 85 -5.30 17.31 17.06
N LEU A 86 -4.25 16.71 16.52
CA LEU A 86 -3.21 17.48 15.84
C LEU A 86 -3.72 18.09 14.53
N ARG A 87 -4.34 17.26 13.71
CA ARG A 87 -4.80 17.67 12.38
C ARG A 87 -6.00 18.59 12.43
N GLU A 88 -7.04 18.17 13.14
CA GLU A 88 -8.33 18.86 13.12
C GLU A 88 -8.48 19.95 14.19
N ASN A 89 -8.03 19.70 15.42
CA ASN A 89 -8.20 20.63 16.56
C ASN A 89 -7.10 21.71 16.54
N LEU A 90 -5.85 21.31 16.31
CA LEU A 90 -4.67 22.22 16.28
C LEU A 90 -4.18 22.61 14.90
N HIS A 91 -4.74 22.02 13.85
CA HIS A 91 -4.39 22.33 12.45
C HIS A 91 -2.94 22.08 12.10
N LEU A 92 -2.29 21.16 12.82
CA LEU A 92 -0.96 20.67 12.48
C LEU A 92 -1.14 19.45 11.58
N ILE A 93 -1.27 19.73 10.29
CA ILE A 93 -1.61 18.76 9.28
C ILE A 93 -0.42 17.92 8.76
N GLY A 94 0.80 18.17 9.24
CA GLY A 94 1.96 17.39 8.85
C GLY A 94 1.87 15.90 9.18
N THR A 95 1.26 15.59 10.32
CA THR A 95 0.97 14.21 10.69
C THR A 95 -0.21 13.72 9.83
N LYS A 96 -0.04 12.57 9.19
CA LYS A 96 -0.98 12.08 8.18
C LYS A 96 -1.81 10.90 8.64
N LYS A 97 -2.95 10.72 7.97
CA LYS A 97 -3.87 9.62 8.26
C LYS A 97 -3.96 8.70 7.04
N GLY A 98 -3.21 7.60 7.11
CA GLY A 98 -3.18 6.59 6.05
C GLY A 98 -4.24 5.53 6.23
N CYS A 99 -4.48 5.10 7.46
CA CYS A 99 -5.45 4.02 7.72
C CYS A 99 -6.36 4.16 8.95
N ASP A 100 -5.96 4.95 9.96
CA ASP A 100 -6.67 5.07 11.22
C ASP A 100 -6.75 3.79 12.08
N HIS A 101 -5.98 2.73 11.75
CA HIS A 101 -6.05 1.47 12.49
C HIS A 101 -4.70 0.86 12.85
N GLY A 102 -3.64 1.68 12.89
CA GLY A 102 -2.33 1.22 13.31
C GLY A 102 -1.58 0.35 12.32
N GLN A 103 -1.96 0.42 11.04
CA GLN A 103 -1.48 -0.53 10.01
C GLN A 103 -0.45 0.03 9.05
N CYS A 104 -0.17 1.33 9.14
CA CYS A 104 0.59 2.03 8.13
C CYS A 104 1.72 2.93 8.68
N GLY A 105 1.52 3.52 9.85
CA GLY A 105 2.54 4.35 10.48
C GLY A 105 2.64 5.78 9.96
N ALA A 106 1.75 6.18 9.07
CA ALA A 106 1.76 7.54 8.49
C ALA A 106 1.46 8.62 9.53
N CYS A 107 0.86 8.22 10.64
CA CYS A 107 0.53 9.10 11.77
C CYS A 107 1.56 8.97 12.88
N THR A 108 2.76 8.46 12.59
CA THR A 108 3.79 8.34 13.62
C THR A 108 4.18 9.73 14.16
N VAL A 109 4.24 9.83 15.49
CA VAL A 109 4.69 11.01 16.21
C VAL A 109 5.52 10.57 17.41
N LEU A 110 6.12 11.54 18.10
CA LEU A 110 6.87 11.28 19.32
C LEU A 110 6.06 11.76 20.52
N VAL A 111 5.97 10.93 21.55
CA VAL A 111 5.33 11.31 22.79
C VAL A 111 6.34 11.03 23.87
N ASN A 112 6.85 12.11 24.46
CA ASN A 112 7.95 12.09 25.39
C ASN A 112 9.18 11.37 24.85
N GLY A 113 9.47 11.63 23.57
CA GLY A 113 10.60 11.05 22.87
C GLY A 113 10.40 9.65 22.28
N ARG A 114 9.31 8.97 22.65
CA ARG A 114 9.06 7.60 22.18
C ARG A 114 8.10 7.64 21.01
N ARG A 115 8.46 7.04 19.88
CA ARG A 115 7.55 6.99 18.74
C ARG A 115 6.32 6.12 19.00
N LEU A 116 5.17 6.58 18.51
CA LEU A 116 3.93 5.80 18.52
C LEU A 116 3.04 6.22 17.35
N ASN A 117 1.99 5.44 17.11
CA ASN A 117 0.97 5.71 16.10
C ASN A 117 -0.18 6.50 16.73
N ALA A 118 -0.28 7.77 16.35
CA ALA A 118 -1.19 8.72 16.99
C ALA A 118 -2.66 8.37 16.79
N CYS A 119 -2.94 7.56 15.77
CA CYS A 119 -4.29 7.11 15.47
C CYS A 119 -4.85 6.07 16.48
N LEU A 120 -3.97 5.43 17.25
CA LEU A 120 -4.33 4.39 18.22
C LEU A 120 -3.93 4.76 19.64
N THR A 121 -4.05 6.05 19.95
CA THR A 121 -4.02 6.53 21.31
C THR A 121 -5.00 7.71 21.43
N LEU A 122 -5.61 7.89 22.60
CA LEU A 122 -6.56 8.99 22.83
C LEU A 122 -5.82 10.22 23.33
N ALA A 123 -6.25 11.39 22.88
CA ALA A 123 -5.64 12.66 23.32
C ALA A 123 -5.62 12.78 24.84
N VAL A 124 -6.77 12.50 25.47
CA VAL A 124 -6.89 12.61 26.94
C VAL A 124 -5.98 11.65 27.74
N MET A 125 -5.40 10.67 27.07
CA MET A 125 -4.40 9.80 27.69
C MET A 125 -3.04 10.44 27.87
N HIS A 126 -2.79 11.60 27.27
CA HIS A 126 -1.46 12.22 27.31
C HIS A 126 -1.50 13.65 27.88
N GLN A 127 -2.42 13.86 28.82
CA GLN A 127 -2.46 15.06 29.64
C GLN A 127 -1.05 15.44 30.13
N GLY A 128 -0.58 16.62 29.75
CA GLY A 128 0.74 17.11 30.10
C GLY A 128 1.90 16.49 29.33
N ALA A 129 1.66 15.77 28.25
CA ALA A 129 2.75 15.09 27.52
C ALA A 129 3.47 16.03 26.56
N GLU A 130 4.73 15.70 26.25
CA GLU A 130 5.48 16.41 25.24
C GLU A 130 5.27 15.69 23.94
N ILE A 131 4.58 16.33 23.01
CA ILE A 131 4.33 15.77 21.69
C ILE A 131 5.30 16.43 20.71
N THR A 132 5.93 15.62 19.84
CA THR A 132 6.74 16.14 18.76
C THR A 132 6.25 15.58 17.44
N THR A 133 5.86 16.48 16.53
CA THR A 133 5.43 16.13 15.17
C THR A 133 6.53 16.49 14.15
N ILE A 134 6.29 16.17 12.87
CA ILE A 134 7.18 16.54 11.78
C ILE A 134 7.49 18.05 11.71
N GLU A 135 6.51 18.88 12.11
CA GLU A 135 6.68 20.33 12.12
C GLU A 135 7.69 20.78 13.18
N GLY A 136 7.74 20.04 14.28
CA GLY A 136 8.69 20.30 15.36
C GLY A 136 10.14 20.00 15.07
N LEU A 137 10.38 19.13 14.08
CA LEU A 137 11.75 18.71 13.74
C LEU A 137 12.42 19.72 12.87
N GLY A 138 11.66 20.30 11.96
CA GLY A 138 12.17 21.37 11.10
C GLY A 138 11.13 21.82 10.09
N SER A 139 11.48 22.90 9.41
CA SER A 139 10.62 23.55 8.44
C SER A 139 11.47 23.88 7.19
N PRO A 140 10.82 24.27 6.07
CA PRO A 140 11.55 24.47 4.82
C PRO A 140 12.87 25.26 4.89
N ASP A 141 12.91 26.37 5.64
CA ASP A 141 14.13 27.20 5.79
C ASP A 141 14.98 26.89 7.03
N ASN A 142 14.67 25.82 7.72
CA ASN A 142 15.53 25.28 8.77
C ASN A 142 15.25 23.78 8.86
N LEU A 143 15.75 23.08 7.85
CA LEU A 143 15.57 21.64 7.71
C LEU A 143 16.36 20.88 8.77
N HIS A 144 15.69 19.91 9.37
CA HIS A 144 16.35 18.97 10.24
C HIS A 144 17.30 18.12 9.37
N PRO A 145 18.41 17.60 9.94
CA PRO A 145 19.35 16.81 9.11
C PRO A 145 18.74 15.60 8.37
N MET A 146 17.85 14.89 9.06
CA MET A 146 17.04 13.84 8.46
C MET A 146 16.14 14.35 7.34
N GLN A 147 15.38 15.42 7.56
CA GLN A 147 14.55 16.00 6.49
C GLN A 147 15.40 16.28 5.25
N ALA A 148 16.58 16.88 5.44
CA ALA A 148 17.50 17.21 4.36
C ALA A 148 18.06 15.97 3.65
N ALA A 149 18.43 14.95 4.43
CA ALA A 149 18.91 13.69 3.88
C ALA A 149 17.86 13.07 2.94
N PHE A 150 16.61 13.03 3.41
CA PHE A 150 15.48 12.56 2.59
C PHE A 150 15.36 13.26 1.22
N ILE A 151 15.65 14.56 1.16
CA ILE A 151 15.58 15.30 -0.10
C ILE A 151 16.74 14.87 -0.99
N LYS A 152 17.93 14.80 -0.40
CA LYS A 152 19.17 14.42 -1.08
C LYS A 152 19.12 13.03 -1.73
N HIS A 153 18.48 12.09 -1.05
CA HIS A 153 18.42 10.71 -1.49
C HIS A 153 17.11 10.34 -2.16
N ASP A 154 16.19 11.29 -2.24
CA ASP A 154 14.86 11.08 -2.83
C ASP A 154 14.13 9.97 -2.11
N GLY A 155 14.11 10.06 -0.77
CA GLY A 155 13.43 9.09 0.08
C GLY A 155 11.93 9.24 0.17
N PHE A 156 11.33 9.91 -0.82
CA PHE A 156 9.88 10.04 -0.89
C PHE A 156 9.52 10.23 -2.34
N GLN A 157 8.27 9.91 -2.66
CA GLN A 157 7.65 10.30 -3.92
C GLN A 157 6.40 11.11 -3.60
N CYS A 158 5.26 10.46 -3.34
CA CYS A 158 4.02 11.22 -3.12
C CYS A 158 4.08 12.15 -1.88
N GLY A 159 4.88 11.77 -0.88
CA GLY A 159 5.07 12.58 0.33
C GLY A 159 4.12 12.29 1.49
N TYR A 160 3.17 11.35 1.31
CA TYR A 160 2.13 11.12 2.30
C TYR A 160 2.61 10.25 3.47
N CYS A 161 3.54 9.32 3.21
CA CYS A 161 4.16 8.51 4.27
C CYS A 161 5.32 9.21 4.94
N THR A 162 5.74 10.34 4.41
CA THR A 162 7.09 10.86 4.64
C THR A 162 7.28 11.46 6.02
N SER A 163 6.27 12.17 6.51
CA SER A 163 6.28 12.65 7.86
C SER A 163 6.59 11.50 8.82
N GLY A 164 5.80 10.44 8.68
CA GLY A 164 5.92 9.24 9.49
C GLY A 164 7.25 8.55 9.36
N GLN A 165 7.75 8.41 8.14
CA GLN A 165 9.10 7.87 7.93
C GLN A 165 10.13 8.65 8.74
N ILE A 166 10.03 9.97 8.66
CA ILE A 166 11.02 10.85 9.28
C ILE A 166 10.97 10.80 10.81
N CYS A 167 9.76 10.85 11.38
CA CYS A 167 9.64 10.75 12.83
C CYS A 167 10.15 9.41 13.35
N SER A 168 9.72 8.31 12.71
CA SER A 168 10.22 6.98 13.05
C SER A 168 11.75 6.89 12.96
N SER A 169 12.32 7.38 11.87
CA SER A 169 13.76 7.20 11.63
C SER A 169 14.61 7.88 12.69
N VAL A 170 14.16 9.04 13.16
CA VAL A 170 14.88 9.75 14.21
C VAL A 170 14.78 8.98 15.53
N ALA A 171 13.59 8.53 15.88
CA ALA A 171 13.40 7.64 17.06
C ALA A 171 14.11 6.27 16.93
N VAL A 172 14.21 5.72 15.72
CA VAL A 172 14.88 4.44 15.49
C VAL A 172 16.37 4.49 15.82
N LEU A 173 17.03 5.58 15.41
CA LEU A 173 18.45 5.78 15.72
C LEU A 173 18.64 5.90 17.23
N LYS A 174 17.70 6.58 17.88
CA LYS A 174 17.71 6.69 19.33
C LYS A 174 17.55 5.34 20.04
N GLU A 175 16.60 4.52 19.59
CA GLU A 175 16.38 3.16 20.10
C GLU A 175 17.61 2.23 19.99
N ILE A 176 18.31 2.31 18.86
CA ILE A 176 19.58 1.59 18.67
C ILE A 176 20.63 2.08 19.69
N GLN A 177 20.82 3.40 19.79
CA GLN A 177 21.74 3.98 20.78
C GLN A 177 21.42 3.52 22.21
N ASP A 178 20.13 3.54 22.54
CA ASP A 178 19.62 3.02 23.81
C ASP A 178 19.75 1.49 23.99
N GLY A 179 20.11 0.75 22.95
CA GLY A 179 20.44 -0.67 23.08
C GLY A 179 19.22 -1.58 23.05
N ILE A 180 18.12 -1.10 22.46
CA ILE A 180 16.91 -1.89 22.35
C ILE A 180 17.08 -2.85 21.17
N PRO A 181 17.01 -4.17 21.41
CA PRO A 181 17.19 -5.12 20.30
C PRO A 181 15.99 -5.17 19.35
N SER A 182 16.10 -5.99 18.30
CA SER A 182 15.04 -6.16 17.30
C SER A 182 14.94 -7.60 16.86
N HIS A 183 14.04 -7.83 15.91
CA HIS A 183 13.78 -9.14 15.35
C HIS A 183 15.01 -9.75 14.65
N VAL A 184 15.88 -8.90 14.12
CA VAL A 184 17.06 -9.32 13.36
C VAL A 184 18.35 -9.25 14.17
N THR A 185 18.26 -8.83 15.43
CA THR A 185 19.43 -8.78 16.31
C THR A 185 19.89 -10.20 16.65
N VAL A 186 21.06 -10.58 16.15
CA VAL A 186 21.53 -11.95 16.25
C VAL A 186 21.84 -12.30 17.68
N ASP A 187 22.67 -11.49 18.34
CA ASP A 187 23.04 -11.72 19.74
C ASP A 187 22.23 -10.80 20.68
N LEU A 188 21.27 -11.41 21.37
CA LEU A 188 20.25 -10.67 22.12
C LEU A 188 20.80 -9.91 23.33
N VAL A 189 21.78 -10.52 24.00
CA VAL A 189 22.39 -9.98 25.24
C VAL A 189 23.31 -8.78 24.97
N SER A 190 24.05 -8.80 23.86
CA SER A 190 24.92 -7.70 23.48
C SER A 190 24.14 -6.57 22.78
N ALA A 191 24.81 -5.45 22.59
CA ALA A 191 24.17 -4.23 22.12
C ALA A 191 24.01 -4.27 20.61
N PRO A 192 22.85 -3.84 20.09
CA PRO A 192 22.64 -3.83 18.65
C PRO A 192 23.50 -2.78 17.93
N GLU A 193 23.83 -3.08 16.67
CA GLU A 193 24.64 -2.24 15.82
C GLU A 193 23.73 -1.55 14.82
N THR A 194 24.16 -0.42 14.29
CA THR A 194 23.39 0.32 13.30
C THR A 194 23.67 -0.22 11.89
N THR A 195 23.07 -1.37 11.58
CA THR A 195 23.22 -1.99 10.28
C THR A 195 22.01 -1.68 9.41
N ALA A 196 22.15 -1.95 8.12
CA ALA A 196 21.05 -1.83 7.18
C ALA A 196 19.94 -2.83 7.52
N ASP A 197 20.33 -4.03 7.97
CA ASP A 197 19.35 -5.04 8.31
C ASP A 197 18.49 -4.57 9.50
N GLU A 198 19.14 -4.02 10.52
CA GLU A 198 18.46 -3.48 11.70
C GLU A 198 17.48 -2.33 11.39
N ILE A 199 17.91 -1.38 10.56
CA ILE A 199 17.08 -0.21 10.25
C ILE A 199 15.82 -0.62 9.51
N ARG A 200 15.98 -1.48 8.52
CA ARG A 200 14.86 -2.01 7.74
C ARG A 200 13.77 -2.62 8.60
N GLU A 201 14.18 -3.47 9.54
CA GLU A 201 13.22 -4.15 10.42
C GLU A 201 12.51 -3.13 11.32
N ARG A 202 13.32 -2.29 11.95
CA ARG A 202 12.82 -1.29 12.89
C ARG A 202 11.94 -0.24 12.20
N MET A 203 12.16 -0.03 10.90
CA MET A 203 11.31 0.84 10.07
C MET A 203 10.14 0.14 9.38
N SER A 204 10.00 -1.18 9.50
CA SER A 204 8.96 -1.90 8.74
C SER A 204 7.52 -1.50 9.12
N GLY A 205 7.35 -0.89 10.29
CA GLY A 205 6.09 -0.26 10.64
C GLY A 205 5.74 1.06 9.96
N ASN A 206 6.56 1.53 9.02
CA ASN A 206 6.18 2.66 8.18
C ASN A 206 6.06 2.24 6.73
N ILE A 207 4.83 2.18 6.24
CA ILE A 207 4.53 1.68 4.89
C ILE A 207 4.61 2.77 3.82
N CYS A 208 5.36 2.50 2.75
CA CYS A 208 5.45 3.35 1.57
C CYS A 208 4.95 2.58 0.36
N ARG A 209 3.76 2.95 -0.13
CA ARG A 209 3.18 2.32 -1.31
C ARG A 209 3.87 2.80 -2.57
N CYS A 210 4.42 4.01 -2.55
CA CYS A 210 5.28 4.50 -3.63
C CYS A 210 6.53 3.65 -3.83
N GLY A 211 6.96 2.98 -2.77
CA GLY A 211 8.11 2.10 -2.82
C GLY A 211 9.41 2.87 -2.84
N ALA A 212 9.48 3.92 -2.02
CA ALA A 212 10.68 4.74 -1.88
C ALA A 212 11.75 4.12 -0.95
N TYR A 213 11.38 3.02 -0.29
CA TYR A 213 12.20 2.29 0.66
C TYR A 213 13.72 2.29 0.48
N ALA A 214 14.21 1.91 -0.69
CA ALA A 214 15.67 1.79 -0.88
C ALA A 214 16.31 3.15 -0.66
N ASN A 215 15.69 4.20 -1.18
CA ASN A 215 16.12 5.57 -0.94
C ASN A 215 15.96 6.05 0.50
N ILE A 216 14.90 5.62 1.17
CA ILE A 216 14.70 5.92 2.61
C ILE A 216 15.88 5.36 3.43
N LEU A 217 16.21 4.10 3.18
CA LEU A 217 17.38 3.49 3.80
C LEU A 217 18.64 4.32 3.56
N ALA A 218 18.89 4.76 2.32
CA ALA A 218 20.11 5.54 2.04
C ALA A 218 20.11 6.86 2.83
N ALA A 219 18.95 7.50 2.93
CA ALA A 219 18.80 8.74 3.72
C ALA A 219 19.15 8.55 5.19
N ILE A 220 18.69 7.44 5.76
CA ILE A 220 18.88 7.19 7.18
C ILE A 220 20.35 6.88 7.50
N GLU A 221 20.95 6.00 6.69
CA GLU A 221 22.39 5.68 6.82
C GLU A 221 23.29 6.91 6.63
N ASP A 222 22.90 7.80 5.72
CA ASP A 222 23.58 9.07 5.58
C ASP A 222 23.49 9.90 6.87
N ALA A 223 22.28 10.23 7.31
CA ALA A 223 22.08 10.98 8.56
C ALA A 223 22.72 10.33 9.80
N ALA A 224 22.77 8.99 9.83
CA ALA A 224 23.37 8.27 10.96
C ALA A 224 24.89 8.40 11.10
N GLY A 225 25.59 8.65 9.98
CA GLY A 225 27.07 8.71 9.95
C GLY A 225 27.65 10.11 9.85
N MET B 1 -17.48 5.18 16.57
CA MET B 1 -17.11 5.02 18.00
C MET B 1 -18.17 5.72 18.84
N LYS B 2 -18.69 5.03 19.85
CA LYS B 2 -19.66 5.64 20.75
C LYS B 2 -18.95 6.50 21.79
N ALA B 3 -19.56 7.63 22.12
CA ALA B 3 -19.07 8.49 23.18
C ALA B 3 -18.99 7.73 24.51
N PHE B 4 -17.96 8.06 25.29
CA PHE B 4 -17.72 7.43 26.58
C PHE B 4 -17.16 8.46 27.54
N THR B 5 -17.40 8.23 28.82
CA THR B 5 -16.71 8.98 29.88
C THR B 5 -15.34 8.33 30.06
N TYR B 6 -14.38 9.12 30.48
CA TYR B 6 -13.02 8.66 30.69
C TYR B 6 -12.57 8.99 32.13
N GLU B 7 -12.05 7.99 32.84
CA GLU B 7 -11.65 8.12 34.25
C GLU B 7 -10.16 7.81 34.45
N ARG B 8 -9.48 8.70 35.16
CA ARG B 8 -8.16 8.43 35.74
C ARG B 8 -8.45 8.19 37.23
N VAL B 9 -7.77 7.23 37.84
CA VAL B 9 -7.93 6.95 39.26
C VAL B 9 -6.54 6.92 39.90
N ASN B 10 -6.48 6.75 41.22
CA ASN B 10 -5.19 6.74 41.92
C ASN B 10 -4.56 5.40 42.16
N THR B 11 -5.38 4.38 42.41
CA THR B 11 -4.85 3.05 42.67
C THR B 11 -5.46 1.99 41.76
N PRO B 12 -4.77 0.84 41.64
CA PRO B 12 -5.35 -0.27 40.90
C PRO B 12 -6.66 -0.79 41.52
N ALA B 13 -6.77 -0.70 42.84
CA ALA B 13 -7.97 -1.10 43.56
C ALA B 13 -9.19 -0.29 43.12
N GLU B 14 -8.98 1.01 42.96
CA GLU B 14 -10.01 1.93 42.46
C GLU B 14 -10.46 1.61 41.04
N ALA B 15 -9.50 1.24 40.21
CA ALA B 15 -9.79 0.88 38.83
C ALA B 15 -10.75 -0.31 38.75
N ALA B 16 -10.50 -1.37 39.49
CA ALA B 16 -11.37 -2.54 39.47
C ALA B 16 -12.74 -2.26 40.11
N LEU B 17 -12.74 -1.43 41.14
CA LEU B 17 -13.98 -1.06 41.82
C LEU B 17 -14.91 -0.28 40.89
N SER B 18 -14.32 0.64 40.13
CA SER B 18 -15.05 1.43 39.17
C SER B 18 -15.61 0.55 38.04
N ALA B 19 -14.86 -0.48 37.66
CA ALA B 19 -15.30 -1.43 36.63
C ALA B 19 -16.53 -2.25 37.03
N GLN B 20 -16.69 -2.52 38.33
CA GLN B 20 -17.89 -3.17 38.83
C GLN B 20 -19.05 -2.18 38.88
N ARG B 21 -18.81 -0.99 39.43
CA ARG B 21 -19.86 0.02 39.61
C ARG B 21 -20.49 0.57 38.31
N VAL B 22 -19.74 0.55 37.21
CA VAL B 22 -20.17 1.18 35.97
C VAL B 22 -20.38 0.11 34.87
N PRO B 23 -21.66 -0.22 34.56
CA PRO B 23 -21.96 -1.13 33.45
C PRO B 23 -21.34 -0.66 32.12
N GLY B 24 -20.74 -1.60 31.39
CA GLY B 24 -20.11 -1.31 30.11
C GLY B 24 -18.74 -0.66 30.21
N ALA B 25 -18.13 -0.69 31.39
CA ALA B 25 -16.83 -0.05 31.59
C ALA B 25 -15.76 -0.99 31.10
N LYS B 26 -14.69 -0.41 30.57
CA LYS B 26 -13.51 -1.18 30.17
C LYS B 26 -12.23 -0.46 30.55
N PHE B 27 -11.19 -1.25 30.73
CA PHE B 27 -9.87 -0.73 31.02
C PHE B 27 -9.24 -0.45 29.69
N ILE B 28 -8.42 0.59 29.64
CA ILE B 28 -7.61 0.90 28.47
C ILE B 28 -6.16 0.99 28.91
N ALA B 29 -5.28 0.36 28.15
CA ALA B 29 -3.84 0.39 28.43
C ALA B 29 -3.13 1.12 27.29
N GLY B 30 -2.48 0.40 26.37
CA GLY B 30 -1.94 1.00 25.15
C GLY B 30 -3.01 1.45 24.17
N GLY B 31 -4.20 0.85 24.25
CA GLY B 31 -5.29 1.13 23.31
C GLY B 31 -5.14 0.58 21.90
N THR B 32 -4.12 -0.26 21.65
CA THR B 32 -3.75 -0.62 20.27
C THR B 32 -4.66 -1.69 19.67
N ASN B 33 -5.38 -2.42 20.52
CA ASN B 33 -6.46 -3.30 20.08
C ASN B 33 -7.82 -2.70 20.40
N LEU B 34 -8.00 -2.20 21.63
CA LEU B 34 -9.30 -1.67 22.05
C LEU B 34 -9.79 -0.52 21.16
N LEU B 35 -8.94 0.46 20.82
CA LEU B 35 -9.39 1.61 20.02
C LEU B 35 -9.71 1.23 18.58
N ASP B 36 -8.88 0.35 18.00
CA ASP B 36 -9.12 -0.30 16.71
C ASP B 36 -10.54 -0.88 16.63
N LEU B 37 -10.88 -1.69 17.62
CA LEU B 37 -12.23 -2.30 17.70
C LEU B 37 -13.33 -1.29 18.00
N MET B 38 -13.02 -0.26 18.80
CA MET B 38 -14.00 0.77 19.13
C MET B 38 -14.36 1.66 17.94
N LYS B 39 -13.41 1.93 17.05
CA LYS B 39 -13.72 2.75 15.85
C LYS B 39 -14.79 2.12 15.00
N LEU B 40 -14.80 0.80 14.96
CA LEU B 40 -15.75 0.01 14.20
C LEU B 40 -16.97 -0.38 15.02
N GLU B 41 -17.01 0.09 16.26
CA GLU B 41 -18.08 -0.23 17.22
C GLU B 41 -18.30 -1.74 17.39
N ILE B 42 -17.21 -2.50 17.37
CA ILE B 42 -17.22 -3.90 17.76
C ILE B 42 -17.15 -3.97 19.29
N GLU B 43 -16.29 -3.14 19.89
CA GLU B 43 -16.36 -2.83 21.32
C GLU B 43 -17.08 -1.50 21.42
N THR B 44 -17.98 -1.39 22.40
CA THR B 44 -18.78 -0.19 22.59
C THR B 44 -18.98 0.07 24.10
N PRO B 45 -17.87 0.32 24.80
CA PRO B 45 -17.99 0.64 26.19
C PRO B 45 -18.51 2.04 26.37
N THR B 46 -19.19 2.26 27.48
CA THR B 46 -19.73 3.57 27.85
C THR B 46 -18.74 4.36 28.69
N HIS B 47 -17.73 3.67 29.21
CA HIS B 47 -16.82 4.23 30.16
C HIS B 47 -15.45 3.59 30.00
N LEU B 48 -14.39 4.40 29.96
CA LEU B 48 -13.02 3.89 29.94
C LEU B 48 -12.32 4.28 31.23
N ILE B 49 -11.56 3.34 31.78
CA ILE B 49 -10.75 3.58 32.96
C ILE B 49 -9.30 3.40 32.50
N ASP B 50 -8.52 4.48 32.58
CA ASP B 50 -7.08 4.43 32.25
C ASP B 50 -6.30 3.68 33.35
N VAL B 51 -5.67 2.57 32.99
CA VAL B 51 -4.90 1.77 33.96
C VAL B 51 -3.38 1.98 33.87
N ASN B 52 -2.95 2.84 32.94
CA ASN B 52 -1.57 3.36 32.93
C ASN B 52 -1.37 4.31 34.12
N GLY B 53 -0.12 4.38 34.57
CA GLY B 53 0.29 5.30 35.62
C GLY B 53 -0.21 4.93 37.00
N LEU B 54 -0.49 3.64 37.24
CA LEU B 54 -0.95 3.15 38.54
C LEU B 54 0.07 2.25 39.20
N GLY B 55 1.34 2.37 38.81
CA GLY B 55 2.40 1.53 39.36
C GLY B 55 2.43 0.06 38.93
N LEU B 56 1.69 -0.32 37.89
CA LEU B 56 1.64 -1.71 37.42
C LEU B 56 2.62 -1.97 36.26
N ASP B 57 3.76 -1.28 36.25
CA ASP B 57 4.67 -1.24 35.10
C ASP B 57 6.12 -1.54 35.45
N LYS B 58 6.31 -2.39 36.46
CA LYS B 58 7.64 -2.76 36.92
C LYS B 58 7.94 -4.18 36.49
N ILE B 59 9.24 -4.45 36.25
CA ILE B 59 9.75 -5.79 36.06
C ILE B 59 10.67 -6.04 37.24
N GLU B 60 10.36 -7.09 38.00
CA GLU B 60 10.99 -7.38 39.29
C GLU B 60 11.34 -8.86 39.36
N VAL B 61 12.43 -9.17 40.06
CA VAL B 61 12.74 -10.54 40.44
C VAL B 61 11.79 -10.95 41.56
N THR B 62 11.19 -12.14 41.48
CA THR B 62 10.41 -12.69 42.59
C THR B 62 11.29 -13.42 43.61
N ASP B 63 10.77 -13.59 44.82
CA ASP B 63 11.48 -14.31 45.88
C ASP B 63 11.81 -15.76 45.52
N ALA B 64 11.00 -16.37 44.66
CA ALA B 64 11.28 -17.72 44.18
C ALA B 64 12.43 -17.81 43.13
N GLY B 65 12.96 -16.68 42.67
CA GLY B 65 14.00 -16.67 41.63
C GLY B 65 13.44 -16.62 40.22
N GLY B 66 12.22 -16.13 40.08
CA GLY B 66 11.56 -15.93 38.80
C GLY B 66 11.42 -14.46 38.53
N LEU B 67 10.40 -14.11 37.74
CA LEU B 67 10.17 -12.73 37.34
C LEU B 67 8.68 -12.36 37.45
N ARG B 68 8.38 -11.21 38.06
CA ARG B 68 7.04 -10.65 38.07
C ARG B 68 7.05 -9.47 37.12
N ILE B 69 6.26 -9.60 36.05
CA ILE B 69 6.15 -8.59 35.02
C ILE B 69 4.83 -7.91 35.18
N GLY B 70 4.87 -6.60 35.42
CA GLY B 70 3.66 -5.80 35.57
C GLY B 70 2.82 -5.80 34.31
N ALA B 71 1.51 -5.67 34.51
CA ALA B 71 0.55 -5.77 33.42
C ALA B 71 0.73 -4.63 32.45
N LEU B 72 1.12 -3.47 32.97
CA LEU B 72 1.21 -2.25 32.19
C LEU B 72 2.59 -1.99 31.62
N VAL B 73 3.55 -2.90 31.81
CA VAL B 73 4.87 -2.79 31.17
C VAL B 73 4.67 -2.73 29.66
N ARG B 74 5.40 -1.86 28.98
CA ARG B 74 5.31 -1.78 27.54
C ARG B 74 5.99 -3.00 26.93
N ASN B 75 5.54 -3.40 25.74
CA ASN B 75 6.15 -4.52 25.05
C ASN B 75 7.63 -4.26 24.68
N THR B 76 7.95 -3.06 24.19
CA THR B 76 9.35 -2.69 23.90
C THR B 76 10.24 -2.82 25.15
N ASP B 77 9.73 -2.35 26.29
CA ASP B 77 10.48 -2.36 27.55
C ASP B 77 10.66 -3.74 28.11
N LEU B 78 9.64 -4.59 27.92
CA LEU B 78 9.73 -5.99 28.34
C LEU B 78 10.78 -6.72 27.55
N ALA B 79 10.71 -6.58 26.23
CA ALA B 79 11.66 -7.19 25.30
C ALA B 79 13.08 -6.64 25.46
N ALA B 80 13.21 -5.37 25.83
CA ALA B 80 14.52 -4.76 26.01
C ALA B 80 15.15 -5.06 27.38
N HIS B 81 14.35 -5.53 28.34
CA HIS B 81 14.86 -5.74 29.69
C HIS B 81 15.98 -6.78 29.71
N GLU B 82 16.99 -6.49 30.53
CA GLU B 82 18.25 -7.25 30.53
C GLU B 82 18.03 -8.71 30.97
N ARG B 83 17.42 -8.88 32.14
CA ARG B 83 17.02 -10.21 32.65
C ARG B 83 16.21 -11.03 31.68
N VAL B 84 15.31 -10.40 30.95
CA VAL B 84 14.46 -11.11 30.00
C VAL B 84 15.30 -11.58 28.80
N ARG B 85 16.19 -10.71 28.31
CA ARG B 85 17.06 -11.05 27.18
C ARG B 85 18.00 -12.22 27.49
N ARG B 86 18.59 -12.23 28.68
CA ARG B 86 19.48 -13.36 29.02
C ARG B 86 18.67 -14.57 29.47
N ASP B 87 17.76 -14.37 30.44
CA ASP B 87 17.13 -15.50 31.14
C ASP B 87 15.82 -16.00 30.57
N TYR B 88 15.14 -15.21 29.75
CA TYR B 88 13.85 -15.57 29.17
C TYR B 88 13.81 -15.15 27.70
N ALA B 89 14.88 -15.47 26.98
CA ALA B 89 15.10 -14.97 25.61
C ALA B 89 13.91 -15.16 24.67
N VAL B 90 13.19 -16.27 24.81
CA VAL B 90 12.11 -16.63 23.88
C VAL B 90 10.95 -15.67 24.00
N LEU B 91 10.76 -15.09 25.18
CA LEU B 91 9.78 -14.01 25.41
C LEU B 91 10.18 -12.76 24.66
N SER B 92 11.44 -12.36 24.80
CA SER B 92 11.98 -11.19 24.10
C SER B 92 11.89 -11.37 22.58
N ARG B 93 12.23 -12.56 22.08
CA ARG B 93 12.15 -12.89 20.65
C ARG B 93 10.72 -12.84 20.10
N ALA B 94 9.77 -13.35 20.88
CA ALA B 94 8.37 -13.39 20.45
C ALA B 94 7.78 -11.96 20.38
N LEU B 95 8.07 -11.15 21.39
CA LEU B 95 7.71 -9.72 21.39
C LEU B 95 8.24 -8.96 20.18
N LEU B 96 9.53 -9.11 19.94
CA LEU B 96 10.20 -8.44 18.84
C LEU B 96 9.76 -8.95 17.47
N ALA B 97 9.30 -10.20 17.40
CA ALA B 97 8.78 -10.78 16.15
C ALA B 97 7.42 -10.25 15.73
N GLY B 98 6.72 -9.58 16.67
CA GLY B 98 5.38 -9.06 16.43
C GLY B 98 5.28 -7.55 16.22
N ALA B 99 4.27 -7.15 15.44
CA ALA B 99 3.79 -5.78 15.35
C ALA B 99 4.83 -4.84 14.75
N SER B 100 4.87 -3.58 15.20
CA SER B 100 5.89 -2.61 14.77
C SER B 100 6.50 -1.95 15.98
N GLY B 101 7.57 -1.19 15.73
CA GLY B 101 8.18 -0.40 16.79
C GLY B 101 7.21 0.52 17.49
N GLN B 102 6.43 1.27 16.71
CA GLN B 102 5.40 2.17 17.25
C GLN B 102 4.41 1.43 18.14
N LEU B 103 3.91 0.30 17.63
CA LEU B 103 2.92 -0.47 18.37
C LEU B 103 3.50 -1.10 19.64
N ARG B 104 4.72 -1.63 19.54
CA ARG B 104 5.35 -2.31 20.68
C ARG B 104 5.66 -1.35 21.81
N ASN B 105 5.89 -0.09 21.47
CA ASN B 105 6.10 0.97 22.46
C ASN B 105 4.90 1.24 23.35
N GLN B 106 3.68 1.10 22.82
CA GLN B 106 2.46 1.37 23.58
C GLN B 106 1.76 0.13 24.12
N ALA B 107 1.82 -0.97 23.39
CA ALA B 107 1.18 -2.21 23.82
C ALA B 107 1.75 -2.69 25.17
N THR B 108 0.91 -3.36 25.95
CA THR B 108 1.25 -3.77 27.33
C THR B 108 1.11 -5.27 27.50
N THR B 109 1.62 -5.79 28.62
CA THR B 109 1.62 -7.23 28.89
C THR B 109 0.20 -7.81 28.93
N ALA B 110 -0.65 -7.22 29.77
CA ALA B 110 -2.04 -7.62 29.90
C ALA B 110 -2.77 -7.42 28.58
N GLY B 111 -2.66 -6.22 28.01
CA GLY B 111 -3.31 -5.93 26.74
C GLY B 111 -3.05 -6.96 25.65
N ASN B 112 -1.78 -7.35 25.51
CA ASN B 112 -1.32 -8.33 24.53
C ASN B 112 -1.98 -9.71 24.72
N LEU B 113 -2.08 -10.17 25.96
CA LEU B 113 -2.77 -11.42 26.24
C LEU B 113 -4.24 -11.36 25.83
N LEU B 114 -4.85 -10.20 26.02
CA LEU B 114 -6.28 -10.01 25.79
C LEU B 114 -6.61 -9.47 24.39
N GLN B 115 -5.63 -9.41 23.51
CA GLN B 115 -5.91 -8.96 22.14
C GLN B 115 -6.84 -9.98 21.46
N ARG B 116 -7.72 -9.48 20.61
CA ARG B 116 -8.74 -10.31 19.97
C ARG B 116 -8.30 -10.75 18.57
N THR B 117 -9.01 -11.74 18.04
CA THR B 117 -8.70 -12.28 16.73
C THR B 117 -8.66 -11.21 15.61
N ARG B 118 -7.84 -11.51 14.60
CA ARG B 118 -7.74 -10.70 13.40
C ARG B 118 -8.62 -11.26 12.30
N CYS B 119 -9.52 -12.19 12.62
CA CYS B 119 -10.45 -12.73 11.63
C CYS B 119 -11.12 -11.60 10.86
N PRO B 120 -11.02 -11.63 9.52
CA PRO B 120 -11.54 -10.51 8.72
C PRO B 120 -13.06 -10.43 8.63
N TYR B 121 -13.74 -11.55 8.91
CA TYR B 121 -15.20 -11.57 8.99
C TYR B 121 -15.67 -10.98 10.32
N PHE B 122 -14.94 -11.29 11.38
CA PHE B 122 -15.13 -10.64 12.69
C PHE B 122 -15.01 -9.11 12.61
N TYR B 123 -13.94 -8.63 11.97
CA TYR B 123 -13.70 -7.17 11.75
C TYR B 123 -14.73 -6.46 10.86
N ASP B 124 -15.36 -7.20 9.95
CA ASP B 124 -16.42 -6.66 9.12
C ASP B 124 -17.78 -6.95 9.77
N THR B 125 -18.43 -5.89 10.28
CA THR B 125 -19.67 -6.03 11.00
C THR B 125 -20.89 -6.28 10.11
N ASN B 126 -20.73 -6.22 8.79
CA ASN B 126 -21.79 -6.70 7.89
C ASN B 126 -21.77 -8.21 7.58
N GLN B 127 -20.85 -8.96 8.18
CA GLN B 127 -20.68 -10.39 7.87
C GLN B 127 -21.07 -11.27 9.05
N PRO B 128 -21.55 -12.50 8.78
CA PRO B 128 -21.84 -13.43 9.87
C PRO B 128 -20.59 -13.88 10.64
N CYS B 129 -20.69 -13.75 11.96
CA CYS B 129 -19.62 -14.05 12.89
C CYS B 129 -20.24 -14.37 14.26
N ASN B 130 -20.21 -15.64 14.65
CA ASN B 130 -20.70 -16.08 15.96
C ASN B 130 -20.00 -15.40 17.14
N LYS B 131 -18.71 -15.08 16.99
CA LYS B 131 -17.95 -14.41 18.03
C LYS B 131 -18.54 -13.05 18.38
N ARG B 132 -18.92 -12.31 17.35
CA ARG B 132 -19.46 -10.97 17.51
C ARG B 132 -20.97 -10.98 17.71
N LEU B 133 -21.64 -12.01 17.18
CA LEU B 133 -23.09 -12.14 17.28
C LEU B 133 -23.49 -13.61 17.31
N PRO B 134 -23.71 -14.17 18.52
CA PRO B 134 -23.98 -15.59 18.68
C PRO B 134 -25.13 -16.13 17.80
N GLY B 135 -24.91 -17.29 17.18
CA GLY B 135 -25.88 -17.89 16.28
C GLY B 135 -26.00 -17.34 14.86
N SER B 136 -25.33 -16.23 14.54
CA SER B 136 -25.38 -15.66 13.19
C SER B 136 -24.62 -16.47 12.17
N GLY B 137 -23.68 -17.31 12.61
CA GLY B 137 -22.87 -18.16 11.73
C GLY B 137 -21.41 -17.77 11.72
N CYS B 138 -20.60 -18.67 11.16
CA CYS B 138 -19.17 -18.46 10.98
C CYS B 138 -18.86 -18.37 9.48
N ALA B 139 -18.65 -17.15 8.99
CA ALA B 139 -18.43 -16.96 7.56
C ALA B 139 -17.10 -17.59 7.09
N ALA B 140 -16.14 -17.71 8.01
CA ALA B 140 -14.80 -18.21 7.71
C ALA B 140 -14.75 -19.71 7.43
N LEU B 141 -15.68 -20.47 8.00
CA LEU B 141 -15.66 -21.92 7.91
C LEU B 141 -15.64 -22.41 6.45
N GLU B 142 -16.46 -21.82 5.61
CA GLU B 142 -16.50 -22.14 4.19
C GLU B 142 -16.19 -20.93 3.30
N GLY B 143 -15.51 -19.93 3.86
CA GLY B 143 -15.13 -18.72 3.16
C GLY B 143 -13.62 -18.68 3.17
N PHE B 144 -13.04 -17.48 3.31
CA PHE B 144 -11.60 -17.33 3.28
C PHE B 144 -11.02 -17.72 4.64
N SER B 145 -10.47 -18.92 4.70
CA SER B 145 -10.00 -19.52 5.95
C SER B 145 -8.49 -19.74 5.99
N ARG B 146 -7.76 -19.12 5.07
CA ARG B 146 -6.32 -19.43 4.88
C ARG B 146 -5.51 -19.26 6.15
N GLN B 147 -5.87 -18.26 6.95
CA GLN B 147 -5.12 -17.87 8.14
C GLN B 147 -5.81 -18.22 9.46
N HIS B 148 -6.78 -19.12 9.38
CA HIS B 148 -7.56 -19.51 10.55
C HIS B 148 -6.93 -20.75 11.19
N ALA B 149 -7.49 -21.13 12.33
CA ALA B 149 -6.99 -22.26 13.12
C ALA B 149 -7.23 -23.63 12.45
N VAL B 150 -6.33 -24.56 12.76
CA VAL B 150 -6.44 -25.96 12.33
C VAL B 150 -6.65 -26.94 13.47
N VAL B 151 -6.44 -26.52 14.72
CA VAL B 151 -6.58 -27.40 15.88
C VAL B 151 -7.29 -26.69 17.04
N GLY B 152 -8.04 -27.47 17.81
CA GLY B 152 -8.83 -26.96 18.91
C GLY B 152 -10.07 -26.18 18.48
N VAL B 153 -10.43 -26.29 17.20
CA VAL B 153 -11.56 -25.54 16.65
C VAL B 153 -12.91 -26.18 17.00
N SER B 154 -14.00 -25.52 16.60
CA SER B 154 -15.33 -26.13 16.57
C SER B 154 -16.07 -25.69 15.31
N GLU B 155 -17.26 -26.27 15.09
CA GLU B 155 -18.16 -25.83 14.03
C GLU B 155 -18.45 -24.32 14.11
N ALA B 156 -18.55 -23.80 15.33
CA ALA B 156 -18.99 -22.41 15.56
C ALA B 156 -17.92 -21.34 15.31
N CYS B 157 -16.64 -21.67 15.48
CA CYS B 157 -15.53 -20.71 15.26
C CYS B 157 -14.18 -21.39 15.07
N ILE B 158 -13.39 -20.83 14.17
CA ILE B 158 -12.08 -21.38 13.80
C ILE B 158 -11.00 -20.27 13.85
N ALA B 159 -11.22 -19.27 14.71
CA ALA B 159 -10.29 -18.17 14.87
C ALA B 159 -9.01 -18.57 15.61
N THR B 160 -7.90 -17.94 15.23
CA THR B 160 -6.63 -18.07 15.92
C THR B 160 -6.47 -16.94 16.92
N HIS B 161 -5.79 -17.22 18.03
CA HIS B 161 -5.30 -16.17 18.90
C HIS B 161 -4.06 -15.56 18.21
N PRO B 162 -4.05 -14.23 18.00
CA PRO B 162 -2.96 -13.63 17.23
C PRO B 162 -1.62 -13.38 17.95
N SER B 163 -1.58 -13.53 19.27
CA SER B 163 -0.40 -13.13 20.05
C SER B 163 0.82 -14.03 19.90
N ASP B 164 1.96 -13.42 19.58
CA ASP B 164 3.25 -14.08 19.65
C ASP B 164 3.78 -14.14 21.11
N MET B 165 3.59 -13.06 21.87
CA MET B 165 4.07 -13.02 23.27
C MET B 165 3.40 -14.11 24.10
N ALA B 166 2.13 -14.39 23.84
CA ALA B 166 1.37 -15.41 24.55
C ALA B 166 1.89 -16.83 24.28
N VAL B 167 2.44 -17.05 23.09
CA VAL B 167 3.02 -18.35 22.75
C VAL B 167 4.25 -18.57 23.63
N ALA B 168 5.07 -17.52 23.76
CA ALA B 168 6.25 -17.57 24.62
C ALA B 168 5.89 -17.64 26.12
N MET B 169 4.85 -16.94 26.55
CA MET B 169 4.38 -17.02 27.96
C MET B 169 3.95 -18.46 28.29
N ARG B 170 3.20 -19.08 27.39
CA ARG B 170 2.70 -20.46 27.56
C ARG B 170 3.82 -21.48 27.69
N LEU B 171 4.87 -21.29 26.88
CA LEU B 171 6.07 -22.10 26.95
C LEU B 171 6.76 -21.97 28.32
N LEU B 172 6.75 -20.77 28.90
CA LEU B 172 7.40 -20.51 30.21
C LEU B 172 6.55 -20.81 31.48
N ASP B 173 5.34 -21.36 31.31
CA ASP B 173 4.43 -21.67 32.42
C ASP B 173 4.05 -20.38 33.17
N ALA B 174 3.75 -19.34 32.41
CA ALA B 174 3.41 -18.04 32.97
C ALA B 174 2.08 -18.09 33.74
N VAL B 175 1.93 -17.19 34.70
CA VAL B 175 0.74 -17.12 35.56
C VAL B 175 0.23 -15.68 35.60
N VAL B 176 -1.04 -15.53 35.25
CA VAL B 176 -1.72 -14.23 35.21
C VAL B 176 -2.22 -13.90 36.61
N GLU B 177 -1.86 -12.72 37.09
CA GLU B 177 -2.17 -12.27 38.44
C GLU B 177 -3.21 -11.18 38.33
N THR B 178 -4.30 -11.34 39.06
CA THR B 178 -5.41 -10.40 38.97
C THR B 178 -5.83 -9.83 40.31
N ILE B 179 -6.71 -8.86 40.25
CA ILE B 179 -7.51 -8.50 41.41
C ILE B 179 -8.97 -8.42 40.93
N THR B 180 -9.87 -8.95 41.73
CA THR B 180 -11.29 -8.89 41.45
C THR B 180 -11.81 -7.54 41.96
N PRO B 181 -12.98 -7.09 41.44
CA PRO B 181 -13.57 -5.85 41.96
C PRO B 181 -13.86 -5.92 43.46
N GLU B 182 -14.12 -7.14 43.95
CA GLU B 182 -14.25 -7.43 45.39
C GLU B 182 -13.00 -7.10 46.19
N GLY B 183 -11.83 -7.14 45.55
CA GLY B 183 -10.55 -6.82 46.19
C GLY B 183 -9.69 -8.03 46.53
N LYS B 184 -10.18 -9.24 46.22
CA LYS B 184 -9.38 -10.44 46.37
C LYS B 184 -8.55 -10.67 45.11
N THR B 185 -7.52 -11.51 45.21
CA THR B 185 -6.60 -11.76 44.11
C THR B 185 -6.75 -13.20 43.60
N ARG B 186 -6.34 -13.41 42.36
CA ARG B 186 -6.38 -14.74 41.73
C ARG B 186 -5.16 -14.97 40.87
N SER B 187 -4.71 -16.21 40.82
CA SER B 187 -3.66 -16.62 39.93
C SER B 187 -4.28 -17.60 38.96
N ILE B 188 -4.19 -17.27 37.67
CA ILE B 188 -4.68 -18.14 36.63
C ILE B 188 -3.48 -18.52 35.78
N THR B 189 -3.15 -19.81 35.78
CA THR B 189 -2.09 -20.31 34.94
C THR B 189 -2.53 -20.02 33.50
N LEU B 190 -1.61 -19.58 32.66
CA LEU B 190 -1.98 -19.17 31.30
C LEU B 190 -2.52 -20.33 30.47
N ALA B 191 -2.07 -21.55 30.76
CA ALA B 191 -2.66 -22.77 30.20
C ALA B 191 -4.18 -22.91 30.43
N ASP B 192 -4.70 -22.38 31.54
CA ASP B 192 -6.15 -22.39 31.81
C ASP B 192 -6.88 -21.06 31.51
N PHE B 193 -6.20 -20.10 30.87
CA PHE B 193 -6.72 -18.73 30.74
C PHE B 193 -7.66 -18.52 29.57
N TYR B 194 -7.41 -19.20 28.45
CA TYR B 194 -8.21 -19.04 27.23
C TYR B 194 -9.23 -20.16 27.07
N HIS B 195 -10.52 -19.82 26.96
CA HIS B 195 -11.58 -20.83 26.78
C HIS B 195 -11.67 -21.28 25.33
N PRO B 196 -11.99 -22.57 25.09
CA PRO B 196 -12.20 -23.02 23.71
C PRO B 196 -13.55 -22.50 23.17
N PRO B 197 -13.67 -22.34 21.85
CA PRO B 197 -14.87 -21.71 21.28
C PRO B 197 -16.17 -22.48 21.49
N GLY B 198 -16.12 -23.82 21.36
CA GLY B 198 -17.28 -24.67 21.62
C GLY B 198 -18.49 -24.15 20.89
N LYS B 199 -19.56 -23.85 21.63
CA LYS B 199 -20.74 -23.17 21.09
C LYS B 199 -20.86 -21.71 21.59
N THR B 200 -19.84 -21.21 22.27
CA THR B 200 -19.84 -19.83 22.78
C THR B 200 -18.50 -19.12 22.48
N PRO B 201 -18.17 -18.93 21.18
CA PRO B 201 -16.91 -18.26 20.77
C PRO B 201 -16.78 -16.80 21.18
N HIS B 202 -17.91 -16.18 21.52
CA HIS B 202 -17.96 -14.86 22.17
C HIS B 202 -17.37 -14.84 23.59
N ILE B 203 -17.20 -16.01 24.22
CA ILE B 203 -16.56 -16.13 25.53
C ILE B 203 -15.12 -16.58 25.26
N GLU B 204 -14.15 -15.77 25.70
CA GLU B 204 -12.76 -15.90 25.26
C GLU B 204 -11.74 -16.21 26.36
N THR B 205 -11.90 -15.62 27.56
CA THR B 205 -10.96 -15.86 28.66
C THR B 205 -11.65 -16.08 30.01
N ALA B 206 -10.86 -16.50 30.99
CA ALA B 206 -11.36 -16.77 32.33
C ALA B 206 -11.59 -15.53 33.20
N LEU B 207 -11.30 -14.32 32.71
CA LEU B 207 -11.55 -13.10 33.48
C LEU B 207 -13.04 -12.89 33.77
N LEU B 208 -13.35 -12.42 34.98
CA LEU B 208 -14.72 -12.07 35.37
C LEU B 208 -15.00 -10.63 35.01
N PRO B 209 -16.28 -10.20 35.12
CA PRO B 209 -16.66 -8.79 35.08
C PRO B 209 -15.76 -7.86 35.91
N GLY B 210 -15.06 -6.96 35.23
CA GLY B 210 -14.22 -5.95 35.89
C GLY B 210 -13.00 -6.48 36.63
N GLU B 211 -12.58 -7.70 36.31
CA GLU B 211 -11.38 -8.27 36.89
C GLU B 211 -10.18 -7.64 36.22
N LEU B 212 -9.19 -7.25 37.02
CA LEU B 212 -8.04 -6.51 36.53
C LEU B 212 -6.79 -7.36 36.63
N ILE B 213 -6.15 -7.61 35.50
CA ILE B 213 -4.84 -8.23 35.46
C ILE B 213 -3.86 -7.18 35.95
N VAL B 214 -3.11 -7.53 37.00
CA VAL B 214 -2.09 -6.64 37.59
C VAL B 214 -0.64 -7.01 37.21
N ALA B 215 -0.41 -8.29 36.87
CA ALA B 215 0.92 -8.81 36.57
C ALA B 215 0.86 -10.20 35.92
N VAL B 216 1.99 -10.59 35.34
CA VAL B 216 2.24 -11.94 34.85
C VAL B 216 3.51 -12.45 35.53
N THR B 217 3.43 -13.58 36.24
CA THR B 217 4.59 -14.15 36.92
C THR B 217 5.19 -15.30 36.13
N LEU B 218 6.51 -15.21 35.92
CA LEU B 218 7.32 -16.30 35.34
C LEU B 218 8.06 -17.06 36.44
N PRO B 219 8.26 -18.37 36.26
CA PRO B 219 9.07 -19.15 37.20
C PRO B 219 10.57 -18.94 36.94
N PRO B 220 11.45 -19.59 37.72
CA PRO B 220 12.90 -19.53 37.47
C PRO B 220 13.33 -19.89 36.05
N PRO B 221 14.45 -19.31 35.56
CA PRO B 221 14.91 -19.57 34.19
C PRO B 221 15.24 -21.04 33.93
N LEU B 222 15.03 -21.48 32.70
CA LEU B 222 15.29 -22.86 32.31
C LEU B 222 16.66 -23.07 31.68
N GLY B 223 17.36 -21.99 31.30
CA GLY B 223 18.56 -22.14 30.46
C GLY B 223 18.24 -22.66 29.06
N GLY B 224 19.18 -23.37 28.46
CA GLY B 224 18.97 -23.99 27.16
C GLY B 224 19.01 -23.02 25.99
N LYS B 225 18.75 -23.54 24.80
CA LYS B 225 18.70 -22.74 23.58
C LYS B 225 17.26 -22.26 23.38
N HIS B 226 17.05 -20.94 23.37
CA HIS B 226 15.75 -20.35 23.13
C HIS B 226 15.61 -19.86 21.70
N ILE B 227 14.55 -20.29 21.02
CA ILE B 227 14.28 -19.91 19.63
C ILE B 227 12.80 -19.53 19.46
N TYR B 228 12.55 -18.51 18.65
CA TYR B 228 11.20 -18.18 18.20
C TYR B 228 11.18 -18.04 16.66
N ARG B 229 10.68 -19.06 15.96
CA ARG B 229 10.55 -19.02 14.49
C ARG B 229 9.11 -18.67 14.10
N LYS B 230 8.93 -17.54 13.43
CA LYS B 230 7.62 -17.02 13.04
C LYS B 230 7.56 -16.99 11.52
N VAL B 231 6.61 -17.71 10.95
CA VAL B 231 6.50 -17.78 9.51
C VAL B 231 5.40 -16.84 9.09
N ARG B 232 5.65 -16.07 8.05
CA ARG B 232 4.68 -15.10 7.54
C ARG B 232 4.95 -14.80 6.08
N ASP B 233 3.92 -14.30 5.39
CA ASP B 233 4.00 -14.04 3.94
C ASP B 233 4.93 -12.88 3.56
N ARG B 234 5.09 -11.89 4.45
CA ARG B 234 6.10 -10.84 4.26
C ARG B 234 7.05 -10.80 5.45
N ALA B 235 8.16 -10.12 5.30
CA ALA B 235 9.30 -10.22 6.24
C ALA B 235 9.05 -9.63 7.62
N SER B 236 8.12 -8.68 7.72
CA SER B 236 7.88 -8.02 8.98
C SER B 236 6.48 -7.41 8.98
N TYR B 237 6.00 -7.03 10.16
CA TYR B 237 4.72 -6.31 10.34
C TYR B 237 3.52 -7.13 9.90
N ALA B 238 3.52 -8.41 10.26
CA ALA B 238 2.44 -9.34 9.93
C ALA B 238 2.29 -10.40 11.02
N PHE B 239 1.07 -10.88 11.18
CA PHE B 239 0.80 -11.94 12.16
C PHE B 239 1.33 -13.24 11.62
N ALA B 240 1.57 -14.18 12.52
CA ALA B 240 2.09 -15.49 12.17
C ALA B 240 1.11 -16.31 11.37
N LEU B 241 1.59 -16.91 10.29
CA LEU B 241 0.89 -18.04 9.70
C LEU B 241 0.98 -19.19 10.70
N VAL B 242 2.22 -19.56 11.03
CA VAL B 242 2.55 -20.52 12.08
C VAL B 242 3.77 -19.97 12.80
N SER B 243 3.87 -20.20 14.10
CA SER B 243 5.04 -19.81 14.88
C SER B 243 5.41 -20.95 15.82
N VAL B 244 6.71 -21.18 15.99
CA VAL B 244 7.20 -22.21 16.90
C VAL B 244 8.10 -21.54 17.91
N ALA B 245 7.71 -21.66 19.17
CA ALA B 245 8.53 -21.27 20.30
C ALA B 245 9.12 -22.56 20.86
N ALA B 246 10.42 -22.55 21.10
CA ALA B 246 11.13 -23.72 21.63
C ALA B 246 12.19 -23.34 22.64
N ILE B 247 12.39 -24.22 23.61
CA ILE B 247 13.51 -24.12 24.54
C ILE B 247 14.15 -25.49 24.58
N ILE B 248 15.35 -25.60 23.99
CA ILE B 248 16.02 -26.90 23.80
C ILE B 248 17.25 -27.01 24.68
N GLN B 249 17.28 -28.05 25.50
CA GLN B 249 18.42 -28.31 26.39
C GLN B 249 19.48 -29.11 25.63
N PRO B 250 20.73 -29.16 26.17
CA PRO B 250 21.84 -29.87 25.50
C PRO B 250 21.61 -31.34 25.13
N ASP B 251 20.77 -32.06 25.89
CA ASP B 251 20.48 -33.48 25.62
C ASP B 251 19.32 -33.74 24.63
N GLY B 252 18.82 -32.70 23.98
CA GLY B 252 17.72 -32.85 22.99
C GLY B 252 16.32 -32.75 23.56
N SER B 253 16.16 -32.91 24.87
CA SER B 253 14.89 -32.63 25.53
C SER B 253 14.62 -31.12 25.53
N GLY B 254 13.36 -30.77 25.78
CA GLY B 254 12.92 -29.38 25.83
C GLY B 254 11.42 -29.23 25.87
N ARG B 255 10.94 -28.05 25.49
CA ARG B 255 9.51 -27.80 25.35
C ARG B 255 9.25 -26.95 24.12
N VAL B 256 8.05 -27.07 23.54
CA VAL B 256 7.61 -26.24 22.41
C VAL B 256 6.16 -25.82 22.56
N ALA B 257 5.84 -24.63 22.05
CA ALA B 257 4.48 -24.14 21.92
C ALA B 257 4.34 -23.47 20.57
N LEU B 258 3.18 -23.60 19.94
CA LEU B 258 2.94 -23.04 18.61
C LEU B 258 1.89 -21.95 18.61
N GLY B 259 2.05 -21.01 17.70
CA GLY B 259 1.04 -19.98 17.42
C GLY B 259 0.59 -20.09 15.99
N GLY B 260 -0.55 -19.45 15.69
CA GLY B 260 -1.14 -19.47 14.37
C GLY B 260 -1.96 -20.71 14.04
N VAL B 261 -2.08 -21.64 15.00
CA VAL B 261 -2.76 -22.93 14.76
C VAL B 261 -4.04 -23.14 15.59
N ALA B 262 -4.24 -22.37 16.65
CA ALA B 262 -5.44 -22.52 17.49
C ALA B 262 -5.88 -21.21 18.12
N HIS B 263 -7.04 -21.29 18.77
CA HIS B 263 -7.61 -20.19 19.56
C HIS B 263 -6.76 -19.77 20.78
N LYS B 264 -5.80 -20.59 21.15
CA LYS B 264 -4.78 -20.24 22.16
C LYS B 264 -3.42 -20.77 21.70
N PRO B 265 -2.32 -20.35 22.38
CA PRO B 265 -1.02 -20.99 22.21
C PRO B 265 -1.11 -22.51 22.41
N TRP B 266 -0.51 -23.26 21.48
CA TRP B 266 -0.73 -24.71 21.42
C TRP B 266 0.49 -25.46 21.89
N ARG B 267 0.38 -26.08 23.06
CA ARG B 267 1.47 -26.84 23.68
C ARG B 267 0.87 -28.03 24.38
N ILE B 268 1.42 -29.22 24.11
CA ILE B 268 1.00 -30.44 24.81
C ILE B 268 2.24 -31.06 25.44
N GLU B 269 2.13 -31.32 26.73
CA GLU B 269 3.26 -31.77 27.55
C GLU B 269 3.77 -33.17 27.13
N ALA B 270 2.86 -34.07 26.72
CA ALA B 270 3.24 -35.36 26.09
C ALA B 270 4.14 -35.17 24.87
N ALA B 271 3.80 -34.18 24.05
CA ALA B 271 4.57 -33.84 22.87
C ALA B 271 5.93 -33.22 23.19
N ASP B 272 6.03 -32.42 24.25
CA ASP B 272 7.34 -31.91 24.70
C ASP B 272 8.32 -33.05 24.91
N ALA B 273 7.83 -34.11 25.56
CA ALA B 273 8.68 -35.22 25.95
C ALA B 273 9.20 -36.05 24.77
N GLN B 274 8.63 -35.87 23.58
CA GLN B 274 9.07 -36.57 22.38
C GLN B 274 10.02 -35.77 21.50
N LEU B 275 10.51 -34.62 21.99
CA LEU B 275 11.41 -33.76 21.19
C LEU B 275 12.67 -34.50 20.73
N SER B 276 13.31 -35.22 21.65
CA SER B 276 14.50 -35.98 21.33
C SER B 276 14.26 -37.01 20.21
N GLN B 277 13.02 -37.51 20.09
CA GLN B 277 12.63 -38.41 18.99
C GLN B 277 12.40 -37.74 17.60
N GLY B 278 12.23 -36.42 17.55
CA GLY B 278 12.15 -35.71 16.25
C GLY B 278 10.85 -34.96 15.99
N ALA B 279 10.83 -34.18 14.92
CA ALA B 279 9.68 -33.33 14.59
C ALA B 279 8.46 -34.16 14.18
N GLN B 280 8.69 -35.29 13.51
CA GLN B 280 7.59 -36.16 13.10
C GLN B 280 6.76 -36.64 14.29
N ALA B 281 7.42 -37.18 15.32
CA ALA B 281 6.73 -37.67 16.53
C ALA B 281 6.03 -36.53 17.28
N VAL B 282 6.73 -35.40 17.43
CA VAL B 282 6.19 -34.24 18.15
C VAL B 282 4.93 -33.73 17.45
N TYR B 283 5.01 -33.60 16.12
CA TYR B 283 3.86 -33.20 15.28
C TYR B 283 2.67 -34.14 15.41
N ASP B 284 2.91 -35.45 15.27
CA ASP B 284 1.84 -36.43 15.37
C ASP B 284 1.03 -36.29 16.68
N THR B 285 1.71 -36.03 17.80
CA THR B 285 1.04 -35.78 19.07
C THR B 285 0.35 -34.41 19.11
N LEU B 286 1.03 -33.38 18.61
CA LEU B 286 0.46 -32.02 18.63
C LEU B 286 -0.81 -31.88 17.82
N PHE B 287 -0.90 -32.62 16.70
CA PHE B 287 -1.95 -32.42 15.70
C PHE B 287 -2.79 -33.67 15.45
N ALA B 288 -2.79 -34.58 16.41
CA ALA B 288 -3.70 -35.74 16.40
C ALA B 288 -5.15 -35.32 16.22
N SER B 289 -5.56 -34.24 16.88
CA SER B 289 -6.94 -33.78 16.89
C SER B 289 -7.26 -32.73 15.81
N ALA B 290 -6.39 -32.52 14.82
CA ALA B 290 -6.57 -31.38 13.89
C ALA B 290 -7.81 -31.52 13.02
N HIS B 291 -8.43 -30.40 12.69
CA HIS B 291 -9.61 -30.36 11.81
C HIS B 291 -9.53 -29.12 10.89
N PRO B 292 -8.61 -29.15 9.91
CA PRO B 292 -8.46 -28.00 9.01
C PRO B 292 -9.57 -27.86 7.96
N THR B 293 -9.65 -26.70 7.33
CA THR B 293 -10.33 -26.53 6.05
C THR B 293 -9.29 -26.78 4.97
N ALA B 294 -9.74 -26.86 3.72
CA ALA B 294 -8.84 -27.06 2.57
C ALA B 294 -7.85 -25.92 2.44
N GLU B 295 -8.32 -24.70 2.71
CA GLU B 295 -7.49 -23.51 2.61
C GLU B 295 -6.37 -23.41 3.65
N ASN B 296 -6.54 -23.98 4.83
CA ASN B 296 -5.48 -23.91 5.85
C ASN B 296 -4.78 -25.22 6.19
N THR B 297 -5.10 -26.28 5.46
CA THR B 297 -4.39 -27.56 5.57
C THR B 297 -2.87 -27.42 5.52
N PHE B 298 -2.37 -26.55 4.64
CA PHE B 298 -0.93 -26.28 4.52
C PHE B 298 -0.23 -25.97 5.85
N LYS B 299 -0.92 -25.32 6.79
CA LYS B 299 -0.40 -25.07 8.15
C LYS B 299 0.14 -26.29 8.88
N LEU B 300 -0.45 -27.46 8.63
CA LEU B 300 -0.03 -28.70 9.28
C LEU B 300 1.35 -29.13 8.82
N LEU B 301 1.57 -29.14 7.50
CA LEU B 301 2.90 -29.41 6.95
C LEU B 301 3.88 -28.27 7.29
N LEU B 302 3.38 -27.04 7.33
CA LEU B 302 4.21 -25.90 7.70
C LEU B 302 4.70 -26.02 9.13
N ALA B 303 3.80 -26.43 10.02
CA ALA B 303 4.10 -26.61 11.45
C ALA B 303 5.21 -27.64 11.65
N LYS B 304 5.07 -28.76 10.94
CA LYS B 304 6.00 -29.87 11.05
C LYS B 304 7.37 -29.50 10.47
N ARG B 305 7.37 -28.89 9.29
CA ARG B 305 8.61 -28.49 8.67
C ARG B 305 9.29 -27.32 9.40
N THR B 306 8.50 -26.40 9.94
CA THR B 306 9.06 -25.32 10.71
C THR B 306 9.68 -25.86 12.00
N LEU B 307 8.99 -26.78 12.65
CA LEU B 307 9.49 -27.41 13.85
C LEU B 307 10.78 -28.20 13.60
N ALA B 308 10.82 -29.04 12.56
CA ALA B 308 12.05 -29.71 12.14
C ALA B 308 13.21 -28.73 11.89
N SER B 309 12.90 -27.59 11.29
CA SER B 309 13.91 -26.54 11.04
C SER B 309 14.47 -25.98 12.34
N VAL B 310 13.57 -25.77 13.30
CA VAL B 310 13.93 -25.29 14.64
C VAL B 310 14.82 -26.28 15.39
N LEU B 311 14.50 -27.56 15.33
CA LEU B 311 15.32 -28.56 15.98
C LEU B 311 16.70 -28.68 15.34
N ALA B 312 16.75 -28.55 14.02
CA ALA B 312 18.02 -28.55 13.31
C ALA B 312 18.87 -27.33 13.66
N GLU B 313 18.22 -26.18 13.89
CA GLU B 313 18.92 -24.97 14.35
C GLU B 313 19.60 -25.25 15.71
N ALA B 314 18.87 -25.91 16.61
CA ALA B 314 19.36 -26.25 17.95
C ALA B 314 20.55 -27.22 17.95
N ARG B 315 20.58 -28.19 17.05
CA ARG B 315 21.76 -29.06 16.90
C ARG B 315 23.03 -28.29 16.53
N ALA B 316 22.91 -27.33 15.62
CA ALA B 316 24.06 -26.62 15.07
C ALA B 316 24.78 -25.76 16.11
N MET C 1 1.09 24.21 -31.37
CA MET C 1 2.17 23.43 -32.01
C MET C 1 1.65 22.03 -32.37
N LYS C 2 1.74 21.66 -33.64
CA LYS C 2 1.40 20.33 -34.09
C LYS C 2 2.69 19.56 -34.29
N PHE C 3 2.84 18.44 -33.60
CA PHE C 3 4.02 17.59 -33.72
C PHE C 3 3.66 16.42 -34.62
N ASP C 4 4.01 16.54 -35.90
CA ASP C 4 3.71 15.47 -36.85
C ASP C 4 4.90 15.02 -37.73
N LYS C 5 6.09 15.56 -37.45
CA LYS C 5 7.34 15.07 -38.06
C LYS C 5 8.37 14.91 -36.96
N PRO C 6 9.33 13.99 -37.12
CA PRO C 6 10.29 13.73 -36.04
C PRO C 6 11.09 14.98 -35.64
N ALA C 7 11.42 15.11 -34.36
CA ALA C 7 12.14 16.27 -33.84
C ALA C 7 13.57 16.30 -34.35
N GLY C 8 14.02 17.47 -34.79
CA GLY C 8 15.43 17.69 -35.14
C GLY C 8 16.13 18.23 -33.92
N GLU C 9 17.13 19.09 -34.15
CA GLU C 9 17.84 19.75 -33.06
CA GLU C 9 17.84 19.74 -33.07
C GLU C 9 16.94 20.82 -32.47
N ASN C 10 16.94 20.94 -31.16
CA ASN C 10 16.15 21.98 -30.48
C ASN C 10 16.83 22.32 -29.15
N PRO C 11 16.35 23.36 -28.43
CA PRO C 11 17.09 23.80 -27.23
C PRO C 11 17.23 22.79 -26.07
N ILE C 12 16.30 21.82 -25.98
CA ILE C 12 16.34 20.79 -24.96
C ILE C 12 17.61 19.95 -25.07
N ASP C 13 18.15 19.80 -26.29
CA ASP C 13 19.36 18.98 -26.55
C ASP C 13 20.64 19.42 -25.83
N GLN C 14 20.72 20.70 -25.43
CA GLN C 14 21.84 21.18 -24.64
C GLN C 14 21.95 20.42 -23.32
N LEU C 15 20.82 20.09 -22.71
CA LEU C 15 20.77 19.30 -21.47
C LEU C 15 21.59 19.93 -20.33
N LYS C 16 21.49 21.24 -20.19
CA LYS C 16 22.09 21.95 -19.06
C LYS C 16 21.32 21.68 -17.77
N VAL C 17 20.03 21.39 -17.87
CA VAL C 17 19.19 21.22 -16.68
C VAL C 17 18.20 20.06 -16.84
N VAL C 18 17.64 19.91 -18.04
CA VAL C 18 16.98 18.68 -18.44
C VAL C 18 18.03 17.57 -18.53
N GLY C 19 17.63 16.39 -18.11
CA GLY C 19 18.48 15.23 -18.10
C GLY C 19 19.31 15.07 -16.85
N ARG C 20 19.22 16.00 -15.91
CA ARG C 20 20.12 15.99 -14.75
C ARG C 20 19.37 15.66 -13.46
N PRO C 21 20.05 14.99 -12.52
CA PRO C 21 19.35 14.41 -11.36
C PRO C 21 19.07 15.44 -10.24
N HIS C 22 18.25 16.43 -10.54
CA HIS C 22 17.95 17.51 -9.58
C HIS C 22 17.09 17.00 -8.42
N ASP C 23 17.33 17.57 -7.24
CA ASP C 23 16.46 17.33 -6.05
C ASP C 23 15.06 17.79 -6.42
N ARG C 24 14.03 17.06 -5.99
CA ARG C 24 12.69 17.49 -6.35
C ARG C 24 12.28 18.75 -5.61
N ILE C 25 11.70 19.68 -6.36
CA ILE C 25 11.49 21.05 -5.87
C ILE C 25 10.40 21.17 -4.81
N ASP C 26 9.50 20.19 -4.75
CA ASP C 26 8.51 20.09 -3.66
C ASP C 26 9.07 19.34 -2.44
N GLY C 27 10.37 19.09 -2.41
CA GLY C 27 10.98 18.34 -1.33
C GLY C 27 10.91 19.00 0.03
N PRO C 28 11.22 20.30 0.10
CA PRO C 28 11.09 21.02 1.36
C PRO C 28 9.69 20.99 1.95
N LEU C 29 8.68 21.10 1.10
CA LEU C 29 7.29 21.00 1.58
C LEU C 29 6.92 19.57 2.05
N LYS C 30 7.26 18.55 1.26
CA LYS C 30 6.88 17.17 1.61
C LYS C 30 7.65 16.53 2.79
N THR C 31 8.84 17.04 3.11
CA THR C 31 9.60 16.49 4.24
C THR C 31 9.41 17.23 5.57
N THR C 32 8.58 18.28 5.55
CA THR C 32 8.33 19.12 6.72
C THR C 32 6.83 19.21 7.12
N GLY C 33 6.00 18.43 6.46
CA GLY C 33 4.58 18.40 6.72
C GLY C 33 3.86 19.69 6.34
N THR C 34 4.41 20.45 5.39
CA THR C 34 3.77 21.67 4.90
C THR C 34 3.14 21.55 3.51
N ALA C 35 3.30 20.42 2.81
CA ALA C 35 2.49 20.17 1.60
C ALA C 35 1.04 19.81 2.02
N ARG C 36 0.04 20.46 1.42
CA ARG C 36 -1.37 20.26 1.78
C ARG C 36 -2.07 19.28 0.83
N TYR C 37 -2.59 18.20 1.41
CA TYR C 37 -3.42 17.25 0.69
C TYR C 37 -4.89 17.60 0.96
N ALA C 38 -5.78 16.92 0.26
CA ALA C 38 -7.20 17.30 0.14
C ALA C 38 -7.96 17.60 1.43
N TYR C 39 -7.68 16.86 2.49
CA TYR C 39 -8.41 16.95 3.75
C TYR C 39 -7.81 17.97 4.73
N GLU C 40 -6.81 18.74 4.27
CA GLU C 40 -5.92 19.54 5.12
C GLU C 40 -5.90 21.05 4.84
N TRP C 41 -6.83 21.52 4.01
CA TRP C 41 -6.96 22.93 3.65
C TRP C 41 -7.80 23.70 4.68
N HIS C 42 -7.30 23.85 5.90
CA HIS C 42 -8.11 24.48 6.96
C HIS C 42 -8.49 25.93 6.72
N GLU C 43 -7.53 26.77 6.27
CA GLU C 43 -7.81 28.21 6.06
C GLU C 43 -8.85 28.54 5.01
N GLU C 44 -8.95 27.66 4.01
CA GLU C 44 -9.91 27.83 2.93
C GLU C 44 -11.36 27.55 3.37
N ALA C 45 -11.54 26.79 4.45
CA ALA C 45 -12.88 26.59 5.07
C ALA C 45 -12.72 26.15 6.51
N PRO C 46 -12.49 27.10 7.42
CA PRO C 46 -12.15 26.75 8.80
C PRO C 46 -13.33 26.23 9.65
N ASN C 47 -14.57 26.44 9.23
CA ASN C 47 -15.75 25.86 9.88
CA ASN C 47 -15.70 25.81 9.92
C ASN C 47 -16.34 24.73 9.02
N ALA C 48 -15.49 24.02 8.28
CA ALA C 48 -15.97 22.96 7.38
C ALA C 48 -16.58 21.81 8.15
N ALA C 49 -17.72 21.30 7.69
CA ALA C 49 -18.35 20.16 8.35
C ALA C 49 -17.74 18.86 7.85
N TYR C 50 -18.02 17.79 8.58
CA TYR C 50 -17.46 16.46 8.29
C TYR C 50 -18.52 15.53 7.69
N GLY C 51 -18.20 14.92 6.57
CA GLY C 51 -19.09 13.96 5.91
C GLY C 51 -18.55 12.55 6.05
N TYR C 52 -19.39 11.63 6.53
CA TYR C 52 -19.00 10.24 6.73
C TYR C 52 -19.92 9.30 5.94
N ILE C 53 -19.30 8.38 5.19
CA ILE C 53 -19.97 7.56 4.19
C ILE C 53 -20.62 6.36 4.80
N VAL C 54 -21.74 5.95 4.21
CA VAL C 54 -22.37 4.67 4.50
C VAL C 54 -22.31 3.84 3.22
N GLY C 55 -21.61 2.73 3.28
CA GLY C 55 -21.49 1.82 2.14
C GLY C 55 -22.54 0.73 2.19
N SER C 56 -22.86 0.17 1.03
CA SER C 56 -23.79 -0.96 0.93
C SER C 56 -23.29 -2.18 1.71
N ALA C 57 -24.20 -2.80 2.46
CA ALA C 57 -23.91 -4.02 3.22
C ALA C 57 -24.14 -5.32 2.40
N ILE C 58 -24.68 -5.17 1.20
CA ILE C 58 -24.85 -6.27 0.28
C ILE C 58 -24.07 -6.02 -1.00
N ALA C 59 -23.77 -7.10 -1.70
CA ALA C 59 -23.12 -7.02 -3.01
C ALA C 59 -24.07 -6.53 -4.09
N LYS C 60 -25.34 -6.93 -4.05
CA LYS C 60 -26.19 -6.74 -5.23
C LYS C 60 -27.67 -6.97 -4.94
N GLY C 61 -28.47 -6.05 -5.45
CA GLY C 61 -29.91 -6.05 -5.18
C GLY C 61 -30.53 -4.66 -5.21
N ARG C 62 -31.68 -4.56 -4.56
CA ARG C 62 -32.40 -3.32 -4.44
C ARG C 62 -32.31 -2.76 -3.01
N LEU C 63 -32.08 -1.45 -2.93
CA LEU C 63 -32.23 -0.69 -1.70
C LEU C 63 -33.72 -0.32 -1.56
N THR C 64 -34.45 -1.08 -0.76
CA THR C 64 -35.89 -0.90 -0.64
C THR C 64 -36.25 0.28 0.24
N ALA C 65 -35.42 0.57 1.24
CA ALA C 65 -35.58 1.76 2.07
C ALA C 65 -34.27 2.11 2.74
N LEU C 66 -34.11 3.38 3.09
CA LEU C 66 -32.94 3.87 3.76
C LEU C 66 -33.38 4.84 4.84
N ASP C 67 -33.24 4.42 6.09
CA ASP C 67 -33.71 5.21 7.21
C ASP C 67 -32.61 6.07 7.79
N THR C 68 -32.97 7.34 8.00
CA THR C 68 -32.05 8.37 8.39
C THR C 68 -32.50 9.18 9.62
N ASP C 69 -33.69 8.90 10.18
CA ASP C 69 -34.20 9.68 11.33
C ASP C 69 -33.26 9.61 12.53
N ALA C 70 -32.84 8.39 12.90
CA ALA C 70 -31.99 8.21 14.06
C ALA C 70 -30.66 8.95 13.89
N ALA C 71 -30.12 8.95 12.68
CA ALA C 71 -28.89 9.66 12.37
C ALA C 71 -29.04 11.18 12.39
N GLN C 72 -30.12 11.68 11.80
CA GLN C 72 -30.49 13.09 11.82
C GLN C 72 -30.58 13.65 13.25
N LYS C 73 -31.07 12.82 14.17
CA LYS C 73 -31.29 13.21 15.57
C LYS C 73 -30.04 13.10 16.44
N ALA C 74 -29.02 12.43 15.92
CA ALA C 74 -27.78 12.21 16.64
C ALA C 74 -26.99 13.51 16.89
N PRO C 75 -26.12 13.53 17.92
CA PRO C 75 -25.36 14.73 18.27
C PRO C 75 -24.51 15.36 17.17
N GLY C 76 -24.61 16.68 17.03
CA GLY C 76 -23.88 17.49 16.03
C GLY C 76 -24.24 17.31 14.56
N VAL C 77 -25.35 16.61 14.25
CA VAL C 77 -25.64 16.22 12.86
C VAL C 77 -26.43 17.30 12.13
N LEU C 78 -26.00 17.61 10.90
CA LEU C 78 -26.60 18.65 10.06
C LEU C 78 -27.55 18.08 9.01
N ALA C 79 -27.16 16.99 8.36
CA ALA C 79 -27.96 16.39 7.29
C ALA C 79 -27.47 14.95 6.98
N VAL C 80 -28.32 14.20 6.30
CA VAL C 80 -27.93 12.91 5.70
C VAL C 80 -28.25 12.97 4.23
N ILE C 81 -27.23 12.82 3.39
CA ILE C 81 -27.41 12.85 1.95
C ILE C 81 -27.70 11.43 1.53
N THR C 82 -28.68 11.26 0.64
CA THR C 82 -29.08 9.95 0.11
C THR C 82 -29.41 10.15 -1.36
N ALA C 83 -29.51 9.05 -2.10
CA ALA C 83 -29.96 9.12 -3.50
C ALA C 83 -31.34 9.77 -3.64
N SER C 84 -32.26 9.44 -2.75
CA SER C 84 -33.60 10.04 -2.74
C SER C 84 -33.57 11.55 -2.63
N ASN C 85 -32.90 12.05 -1.59
CA ASN C 85 -32.98 13.50 -1.34
C ASN C 85 -31.96 14.34 -2.11
N ALA C 86 -30.99 13.72 -2.78
CA ALA C 86 -29.99 14.47 -3.54
C ALA C 86 -30.45 14.96 -4.91
N GLY C 87 -31.55 14.42 -5.44
CA GLY C 87 -32.06 14.81 -6.75
C GLY C 87 -31.41 14.05 -7.91
N VAL C 88 -31.99 14.22 -9.10
CA VAL C 88 -31.57 13.45 -10.26
C VAL C 88 -30.15 13.81 -10.62
N LEU C 89 -29.31 12.80 -10.77
CA LEU C 89 -27.91 12.96 -11.09
C LEU C 89 -27.65 12.43 -12.49
N GLY C 90 -26.59 12.93 -13.09
CA GLY C 90 -26.01 12.35 -14.30
C GLY C 90 -24.95 11.36 -13.88
N LYS C 91 -24.29 10.76 -14.85
CA LYS C 91 -23.17 9.88 -14.62
C LYS C 91 -22.00 10.29 -15.51
N GLY C 92 -20.81 10.36 -14.92
CA GLY C 92 -19.61 10.71 -15.64
C GLY C 92 -19.20 9.56 -16.54
N ASP C 93 -18.47 9.89 -17.60
CA ASP C 93 -18.13 8.94 -18.65
C ASP C 93 -17.14 7.85 -18.21
N LYS C 94 -16.41 8.12 -17.12
CA LYS C 94 -15.40 7.20 -16.58
C LYS C 94 -15.87 6.38 -15.39
N ASN C 95 -17.15 6.47 -15.06
CA ASN C 95 -17.75 5.70 -13.96
C ASN C 95 -18.66 4.64 -14.56
N THR C 96 -18.37 3.37 -14.30
CA THR C 96 -19.23 2.27 -14.72
C THR C 96 -20.30 2.12 -13.63
N ALA C 97 -19.84 1.87 -12.41
CA ALA C 97 -20.69 1.84 -11.24
C ALA C 97 -21.09 3.28 -10.86
N ARG C 98 -22.36 3.48 -10.50
CA ARG C 98 -22.77 4.79 -9.98
C ARG C 98 -21.99 5.06 -8.70
N LEU C 99 -21.67 6.33 -8.46
CA LEU C 99 -20.97 6.72 -7.25
C LEU C 99 -21.94 6.88 -6.05
N LEU C 100 -23.20 7.16 -6.33
CA LEU C 100 -24.22 7.11 -5.28
C LEU C 100 -25.26 6.06 -5.64
N GLY C 101 -25.32 4.98 -4.89
CA GLY C 101 -26.28 3.89 -5.16
C GLY C 101 -27.65 4.18 -4.59
N GLY C 102 -28.64 3.39 -4.99
CA GLY C 102 -30.03 3.56 -4.54
C GLY C 102 -30.92 4.07 -5.67
N PRO C 103 -31.99 3.37 -6.07
CA PRO C 103 -32.43 2.09 -5.50
C PRO C 103 -31.56 0.88 -5.86
N THR C 104 -30.96 0.85 -7.04
CA THR C 104 -30.11 -0.29 -7.40
C THR C 104 -28.81 -0.29 -6.61
N ILE C 105 -28.44 -1.48 -6.14
CA ILE C 105 -27.14 -1.71 -5.52
C ILE C 105 -26.32 -2.53 -6.51
N GLU C 106 -25.21 -1.95 -6.95
CA GLU C 106 -24.37 -2.57 -8.00
C GLU C 106 -23.22 -3.39 -7.46
N HIS C 107 -22.74 -3.02 -6.28
CA HIS C 107 -21.63 -3.75 -5.66
C HIS C 107 -21.57 -3.49 -4.17
N TYR C 108 -20.80 -4.30 -3.49
CA TYR C 108 -20.53 -4.15 -2.08
C TYR C 108 -19.76 -2.89 -1.74
N HIS C 109 -20.17 -2.26 -0.62
CA HIS C 109 -19.69 -0.94 -0.15
C HIS C 109 -19.89 0.18 -1.16
N GLN C 110 -20.85 0.07 -2.07
CA GLN C 110 -21.23 1.21 -2.87
C GLN C 110 -21.89 2.20 -1.92
N ALA C 111 -21.50 3.47 -2.05
CA ALA C 111 -22.00 4.53 -1.19
C ALA C 111 -23.50 4.67 -1.39
N ILE C 112 -24.21 4.76 -0.27
CA ILE C 112 -25.65 4.95 -0.25
C ILE C 112 -26.12 6.11 0.60
N ALA C 113 -25.27 6.58 1.53
CA ALA C 113 -25.53 7.81 2.24
C ALA C 113 -24.25 8.48 2.77
N LEU C 114 -24.44 9.71 3.24
CA LEU C 114 -23.40 10.53 3.86
C LEU C 114 -23.99 11.33 5.01
N VAL C 115 -23.50 11.11 6.23
CA VAL C 115 -23.94 11.88 7.38
C VAL C 115 -23.00 13.06 7.54
N VAL C 116 -23.53 14.27 7.48
CA VAL C 116 -22.77 15.49 7.69
C VAL C 116 -22.91 15.89 9.16
N ALA C 117 -21.80 16.23 9.80
CA ALA C 117 -21.83 16.64 11.20
C ALA C 117 -20.77 17.67 11.54
N GLU C 118 -20.87 18.21 12.74
CA GLU C 118 -20.00 19.28 13.22
C GLU C 118 -18.57 18.82 13.47
N THR C 119 -18.41 17.58 13.96
CA THR C 119 -17.11 16.95 14.11
C THR C 119 -17.06 15.58 13.42
N PHE C 120 -15.84 15.15 13.11
CA PHE C 120 -15.58 13.83 12.55
C PHE C 120 -16.19 12.72 13.42
N GLU C 121 -15.90 12.79 14.71
CA GLU C 121 -16.35 11.78 15.66
C GLU C 121 -17.89 11.65 15.68
N GLN C 122 -18.59 12.78 15.68
CA GLN C 122 -20.05 12.81 15.61
C GLN C 122 -20.62 12.25 14.31
N ALA C 123 -19.95 12.49 13.19
CA ALA C 123 -20.41 12.01 11.89
C ALA C 123 -20.28 10.49 11.76
N ARG C 124 -19.18 9.94 12.27
CA ARG C 124 -18.94 8.49 12.25
C ARG C 124 -19.94 7.76 13.13
N ALA C 125 -20.16 8.27 14.35
CA ALA C 125 -21.07 7.65 15.28
C ALA C 125 -22.48 7.71 14.72
N ALA C 126 -22.81 8.85 14.11
CA ALA C 126 -24.12 9.04 13.50
C ALA C 126 -24.33 8.14 12.27
N ALA C 127 -23.28 7.94 11.47
CA ALA C 127 -23.35 7.03 10.33
C ALA C 127 -23.75 5.61 10.69
N SER C 128 -23.35 5.14 11.88
CA SER C 128 -23.75 3.81 12.37
C SER C 128 -25.25 3.64 12.61
N LEU C 129 -25.98 4.75 12.73
CA LEU C 129 -27.43 4.72 12.95
C LEU C 129 -28.24 4.68 11.65
N VAL C 130 -27.59 4.95 10.51
CA VAL C 130 -28.27 4.88 9.22
C VAL C 130 -28.67 3.40 8.98
N GLN C 131 -29.95 3.13 8.82
CA GLN C 131 -30.50 1.77 8.71
C GLN C 131 -30.97 1.52 7.28
N ALA C 132 -30.20 0.78 6.49
CA ALA C 132 -30.56 0.43 5.12
C ALA C 132 -31.42 -0.83 5.09
N HIS C 133 -32.29 -0.97 4.09
CA HIS C 133 -33.12 -2.17 3.90
C HIS C 133 -32.98 -2.69 2.48
N TYR C 134 -32.69 -3.98 2.35
CA TYR C 134 -32.31 -4.56 1.05
C TYR C 134 -33.17 -5.76 0.62
N ARG C 135 -33.26 -5.96 -0.70
CA ARG C 135 -33.68 -7.23 -1.28
C ARG C 135 -32.50 -7.75 -2.15
N ARG C 136 -31.88 -8.85 -1.75
CA ARG C 136 -30.76 -9.44 -2.51
C ARG C 136 -31.20 -9.98 -3.89
N ASN C 137 -30.38 -9.76 -4.92
CA ASN C 137 -30.50 -10.47 -6.20
C ASN C 137 -29.30 -11.38 -6.37
N LYS C 138 -29.52 -12.48 -7.11
CA LYS C 138 -28.49 -13.46 -7.48
C LYS C 138 -27.37 -12.79 -8.26
N GLY C 139 -26.13 -12.96 -7.80
CA GLY C 139 -24.96 -12.39 -8.50
C GLY C 139 -23.95 -13.43 -8.93
N ALA C 140 -23.01 -13.00 -9.76
CA ALA C 140 -21.91 -13.84 -10.23
C ALA C 140 -20.62 -13.21 -9.72
N TYR C 141 -19.85 -13.98 -8.95
CA TYR C 141 -18.65 -13.47 -8.28
C TYR C 141 -17.36 -14.24 -8.59
N SER C 142 -17.45 -15.33 -9.33
CA SER C 142 -16.31 -16.21 -9.59
C SER C 142 -15.90 -16.15 -11.07
N LEU C 143 -14.79 -15.47 -11.38
CA LEU C 143 -14.29 -15.38 -12.75
C LEU C 143 -14.07 -16.76 -13.37
N ALA C 144 -13.54 -17.70 -12.58
CA ALA C 144 -13.29 -19.04 -13.08
C ALA C 144 -14.59 -19.78 -13.43
N ASP C 145 -15.67 -19.58 -12.65
CA ASP C 145 -16.96 -20.19 -12.97
C ASP C 145 -17.64 -19.57 -14.18
N GLU C 146 -17.47 -18.27 -14.37
CA GLU C 146 -18.02 -17.62 -15.54
C GLU C 146 -17.20 -17.89 -16.81
N LYS C 147 -15.96 -18.38 -16.66
CA LYS C 147 -15.08 -18.60 -17.80
C LYS C 147 -15.73 -19.42 -18.87
N GLN C 148 -16.23 -20.59 -18.48
CA GLN C 148 -16.65 -21.60 -19.44
C GLN C 148 -17.73 -21.04 -20.39
N ALA C 149 -18.59 -20.17 -19.89
CA ALA C 149 -19.68 -19.61 -20.71
C ALA C 149 -19.30 -18.47 -21.66
N VAL C 150 -18.06 -17.97 -21.59
CA VAL C 150 -17.60 -16.86 -22.43
C VAL C 150 -16.52 -17.35 -23.39
N ASN C 151 -16.84 -17.40 -24.68
CA ASN C 151 -15.85 -17.73 -25.73
C ASN C 151 -15.95 -16.91 -27.01
N GLN C 152 -16.57 -15.74 -26.93
CA GLN C 152 -16.54 -14.74 -27.98
C GLN C 152 -15.91 -13.51 -27.36
N PRO C 153 -15.28 -12.65 -28.18
CA PRO C 153 -14.82 -11.39 -27.64
C PRO C 153 -15.96 -10.39 -27.57
N PRO C 154 -15.73 -9.22 -26.96
CA PRO C 154 -16.71 -8.14 -27.09
C PRO C 154 -16.88 -7.71 -28.55
N GLU C 155 -18.06 -7.20 -28.91
CA GLU C 155 -18.35 -6.73 -30.28
C GLU C 155 -17.30 -5.73 -30.79
N ASP C 156 -16.89 -4.80 -29.92
CA ASP C 156 -15.94 -3.75 -30.30
C ASP C 156 -14.46 -4.09 -30.06
N THR C 157 -14.16 -5.35 -29.78
CA THR C 157 -12.78 -5.80 -29.55
C THR C 157 -12.59 -7.20 -30.17
N PRO C 158 -12.65 -7.30 -31.50
CA PRO C 158 -12.48 -8.63 -32.12
C PRO C 158 -11.09 -9.21 -31.90
N ASP C 159 -10.98 -10.53 -32.01
CA ASP C 159 -9.67 -11.20 -31.92
C ASP C 159 -8.75 -10.71 -33.02
N LYS C 160 -7.46 -10.88 -32.81
CA LYS C 160 -6.49 -10.49 -33.82
C LYS C 160 -5.80 -11.77 -34.31
N ASN C 161 -5.84 -11.98 -35.62
CA ASN C 161 -5.35 -13.21 -36.22
C ASN C 161 -4.43 -12.94 -37.37
N VAL C 162 -3.22 -13.48 -37.27
CA VAL C 162 -2.20 -13.30 -38.29
C VAL C 162 -1.67 -14.67 -38.64
N GLY C 163 -1.49 -14.92 -39.92
CA GLY C 163 -1.03 -16.20 -40.42
C GLY C 163 -1.98 -17.31 -40.05
N ASP C 164 -1.41 -18.49 -39.76
CA ASP C 164 -2.17 -19.68 -39.41
C ASP C 164 -1.62 -20.21 -38.10
N PHE C 165 -2.17 -19.74 -36.98
CA PHE C 165 -1.67 -20.14 -35.67
C PHE C 165 -1.77 -21.66 -35.42
N ASP C 166 -2.92 -22.24 -35.74
CA ASP C 166 -3.16 -23.64 -35.41
C ASP C 166 -2.24 -24.54 -36.22
N GLY C 167 -2.09 -24.26 -37.51
CA GLY C 167 -1.14 -24.99 -38.34
C GLY C 167 0.26 -24.93 -37.78
N ALA C 168 0.75 -23.71 -37.56
CA ALA C 168 2.12 -23.49 -37.11
C ALA C 168 2.40 -24.11 -35.73
N PHE C 169 1.42 -24.02 -34.84
CA PHE C 169 1.50 -24.71 -33.55
C PHE C 169 1.68 -26.23 -33.72
N THR C 170 0.88 -26.84 -34.58
CA THR C 170 0.99 -28.28 -34.82
C THR C 170 2.38 -28.63 -35.35
N SER C 171 2.88 -27.86 -36.32
CA SER C 171 4.14 -28.18 -36.98
C SER C 171 5.39 -27.87 -36.12
N ALA C 172 5.24 -27.01 -35.11
CA ALA C 172 6.39 -26.53 -34.30
C ALA C 172 7.15 -27.66 -33.61
N ALA C 173 8.47 -27.53 -33.56
CA ALA C 173 9.35 -28.55 -32.95
C ALA C 173 9.18 -28.61 -31.43
N VAL C 174 8.98 -27.45 -30.83
CA VAL C 174 8.92 -27.36 -29.40
C VAL C 174 7.81 -26.39 -29.08
N LYS C 175 7.05 -26.66 -28.02
CA LYS C 175 5.92 -25.82 -27.67
C LYS C 175 5.42 -26.02 -26.25
N ILE C 176 4.72 -25.01 -25.77
CA ILE C 176 4.08 -25.02 -24.47
C ILE C 176 2.59 -24.67 -24.62
N ASP C 177 1.82 -25.12 -23.64
CA ASP C 177 0.40 -24.84 -23.55
C ASP C 177 0.14 -24.75 -22.06
N ALA C 178 -0.08 -23.54 -21.57
CA ALA C 178 -0.08 -23.30 -20.15
C ALA C 178 -1.13 -22.29 -19.78
N THR C 179 -1.64 -22.42 -18.57
CA THR C 179 -2.64 -21.47 -18.05
C THR C 179 -2.12 -20.72 -16.84
N TYR C 180 -2.41 -19.44 -16.79
CA TYR C 180 -1.93 -18.58 -15.70
C TYR C 180 -3.09 -17.81 -15.15
N THR C 181 -3.12 -17.59 -13.85
CA THR C 181 -4.09 -16.67 -13.25
C THR C 181 -3.36 -15.57 -12.50
N THR C 182 -3.88 -14.34 -12.58
CA THR C 182 -3.56 -13.26 -11.63
C THR C 182 -4.83 -12.85 -10.81
N PRO C 183 -4.65 -12.45 -9.53
CA PRO C 183 -5.83 -12.08 -8.72
C PRO C 183 -6.21 -10.61 -8.88
N ASP C 184 -7.34 -10.27 -8.26
CA ASP C 184 -7.74 -8.90 -8.09
C ASP C 184 -6.72 -8.21 -7.16
N GLN C 185 -6.33 -6.99 -7.54
CA GLN C 185 -5.34 -6.22 -6.80
C GLN C 185 -5.88 -4.84 -6.53
N SER C 186 -5.31 -4.20 -5.53
CA SER C 186 -5.84 -2.96 -5.00
C SER C 186 -4.70 -1.94 -4.93
N HIS C 187 -5.06 -0.67 -5.08
CA HIS C 187 -4.06 0.38 -5.24
C HIS C 187 -3.33 0.64 -3.92
N MET C 188 -4.08 0.72 -2.84
CA MET C 188 -3.57 1.04 -1.50
C MET C 188 -2.70 2.31 -1.48
N ALA C 189 -3.11 3.32 -2.24
CA ALA C 189 -2.45 4.62 -2.18
C ALA C 189 -2.51 5.07 -0.74
N MET C 190 -1.41 5.60 -0.22
CA MET C 190 -1.32 5.81 1.22
C MET C 190 -2.26 6.93 1.70
N GLU C 191 -2.61 7.85 0.81
CA GLU C 191 -3.61 8.87 1.05
C GLU C 191 -4.98 8.33 0.64
N PRO C 192 -5.89 8.13 1.62
CA PRO C 192 -7.27 7.80 1.29
C PRO C 192 -7.90 8.86 0.40
N HIS C 193 -8.83 8.43 -0.45
CA HIS C 193 -9.52 9.35 -1.35
C HIS C 193 -10.24 10.36 -0.47
N ALA C 194 -9.96 11.65 -0.67
CA ALA C 194 -10.66 12.73 0.05
C ALA C 194 -10.97 13.94 -0.82
N SER C 195 -11.97 14.70 -0.42
CA SER C 195 -12.31 15.95 -1.08
C SER C 195 -12.96 16.93 -0.11
N MET C 196 -12.89 18.22 -0.43
CA MET C 196 -13.58 19.26 0.31
C MET C 196 -14.27 20.16 -0.70
N ALA C 197 -15.54 20.47 -0.45
CA ALA C 197 -16.36 21.24 -1.38
C ALA C 197 -16.80 22.53 -0.72
N VAL C 198 -16.74 23.62 -1.49
CA VAL C 198 -17.31 24.91 -1.10
C VAL C 198 -18.15 25.43 -2.26
N TRP C 199 -19.41 25.77 -1.98
CA TRP C 199 -20.24 26.48 -2.95
C TRP C 199 -20.31 27.99 -2.66
N ASP C 200 -20.11 28.78 -3.71
CA ASP C 200 -20.41 30.20 -3.73
C ASP C 200 -21.50 30.45 -4.77
N GLY C 201 -22.75 30.43 -4.34
CA GLY C 201 -23.89 30.46 -5.25
C GLY C 201 -23.90 29.19 -6.08
N ASN C 202 -23.97 29.35 -7.39
CA ASN C 202 -23.82 28.22 -8.32
C ASN C 202 -22.38 27.77 -8.59
N LYS C 203 -21.37 28.47 -8.03
CA LYS C 203 -19.95 28.11 -8.24
C LYS C 203 -19.44 27.11 -7.21
N LEU C 204 -18.83 26.02 -7.68
CA LEU C 204 -18.32 24.94 -6.85
C LEU C 204 -16.81 24.97 -6.96
N THR C 205 -16.14 24.96 -5.82
CA THR C 205 -14.73 24.69 -5.72
C THR C 205 -14.53 23.39 -4.93
N LEU C 206 -13.80 22.45 -5.52
CA LEU C 206 -13.50 21.17 -4.91
C LEU C 206 -11.99 21.00 -4.76
N TRP C 207 -11.54 20.82 -3.53
CA TRP C 207 -10.19 20.43 -3.25
C TRP C 207 -10.28 18.93 -3.20
N THR C 208 -9.38 18.23 -3.89
CA THR C 208 -9.54 16.78 -4.04
C THR C 208 -8.19 16.09 -4.26
N SER C 209 -8.23 14.78 -4.41
CA SER C 209 -7.05 13.97 -4.70
C SER C 209 -7.34 13.22 -5.99
N ASN C 210 -6.85 13.76 -7.09
CA ASN C 210 -7.17 13.26 -8.41
C ASN C 210 -6.00 13.45 -9.40
N GLN C 211 -5.77 12.42 -10.20
CA GLN C 211 -4.69 12.36 -11.18
C GLN C 211 -4.99 13.18 -12.45
N MET C 212 -6.28 13.34 -12.77
CA MET C 212 -6.77 13.92 -14.03
C MET C 212 -7.74 15.06 -13.74
N ILE C 213 -7.20 16.27 -13.64
CA ILE C 213 -7.96 17.43 -13.21
C ILE C 213 -9.12 17.71 -14.16
N ASP C 214 -8.86 17.75 -15.45
CA ASP C 214 -9.89 18.10 -16.44
C ASP C 214 -11.02 17.05 -16.47
N TRP C 215 -10.65 15.77 -16.45
CA TRP C 215 -11.65 14.69 -16.35
C TRP C 215 -12.50 14.83 -15.11
N CYS C 216 -11.89 15.24 -14.00
CA CYS C 216 -12.60 15.44 -12.74
C CYS C 216 -13.66 16.53 -12.87
N ARG C 217 -13.24 17.70 -13.33
CA ARG C 217 -14.13 18.83 -13.53
C ARG C 217 -15.32 18.47 -14.42
N THR C 218 -15.02 17.83 -15.54
CA THR C 218 -16.04 17.47 -16.54
C THR C 218 -17.05 16.48 -15.98
N ASP C 219 -16.53 15.40 -15.41
CA ASP C 219 -17.36 14.34 -14.89
C ASP C 219 -18.16 14.77 -13.64
N LEU C 220 -17.57 15.59 -12.78
CA LEU C 220 -18.30 16.08 -11.60
C LEU C 220 -19.46 16.94 -12.06
N ALA C 221 -19.21 17.80 -13.04
CA ALA C 221 -20.25 18.65 -13.63
C ALA C 221 -21.37 17.85 -14.30
N LYS C 222 -21.01 16.83 -15.07
CA LYS C 222 -21.98 15.96 -15.73
C LYS C 222 -22.87 15.23 -14.71
N THR C 223 -22.24 14.81 -13.61
CA THR C 223 -22.90 14.13 -12.53
C THR C 223 -23.85 15.06 -11.76
N LEU C 224 -23.39 16.27 -11.47
CA LEU C 224 -24.21 17.24 -10.74
C LEU C 224 -25.17 17.96 -11.65
N LYS C 225 -24.95 17.87 -12.96
CA LYS C 225 -25.73 18.61 -13.95
C LYS C 225 -25.60 20.10 -13.70
N VAL C 226 -24.37 20.60 -13.80
CA VAL C 226 -24.07 22.02 -13.71
C VAL C 226 -23.20 22.38 -14.89
N PRO C 227 -23.16 23.67 -15.26
CA PRO C 227 -22.19 24.08 -16.27
C PRO C 227 -20.78 23.74 -15.84
N VAL C 228 -19.99 23.13 -16.72
CA VAL C 228 -18.59 22.80 -16.43
C VAL C 228 -17.78 24.02 -15.98
N GLU C 229 -18.09 25.19 -16.54
CA GLU C 229 -17.42 26.43 -16.16
C GLU C 229 -17.68 26.92 -14.72
N ASN C 230 -18.71 26.36 -14.06
CA ASN C 230 -19.01 26.67 -12.64
C ASN C 230 -18.22 25.84 -11.62
N VAL C 231 -17.45 24.88 -12.09
CA VAL C 231 -16.72 23.95 -11.23
C VAL C 231 -15.23 24.19 -11.36
N ARG C 232 -14.56 24.18 -10.22
CA ARG C 232 -13.12 24.36 -10.17
C ARG C 232 -12.52 23.23 -9.36
N ILE C 233 -11.54 22.54 -9.94
CA ILE C 233 -10.89 21.43 -9.26
C ILE C 233 -9.49 21.84 -8.82
N ILE C 234 -9.15 21.51 -7.58
CA ILE C 234 -7.88 21.84 -6.95
C ILE C 234 -7.26 20.59 -6.34
N SER C 235 -6.09 20.18 -6.86
CA SER C 235 -5.35 19.01 -6.38
C SER C 235 -3.84 19.15 -6.65
N PRO C 236 -3.16 20.06 -5.93
CA PRO C 236 -1.73 20.25 -6.13
C PRO C 236 -0.84 19.13 -5.55
N TYR C 237 -1.29 18.48 -4.47
CA TYR C 237 -0.55 17.37 -3.88
C TYR C 237 -1.46 16.17 -3.71
N ILE C 238 -1.02 15.05 -4.27
CA ILE C 238 -1.76 13.80 -4.30
C ILE C 238 -0.86 12.76 -3.68
N GLY C 239 -1.37 12.10 -2.65
CA GLY C 239 -0.62 11.11 -1.90
C GLY C 239 -0.71 9.72 -2.52
N GLY C 240 -0.35 9.62 -3.80
CA GLY C 240 -0.38 8.36 -4.53
C GLY C 240 -1.74 8.09 -5.16
N GLY C 241 -1.71 7.31 -6.23
CA GLY C 241 -2.90 7.01 -7.04
C GLY C 241 -2.80 5.64 -7.69
N PHE C 242 -1.79 5.48 -8.54
CA PHE C 242 -1.50 4.22 -9.17
C PHE C 242 -2.62 3.75 -10.08
N GLY C 243 -3.29 4.71 -10.73
CA GLY C 243 -4.51 4.43 -11.51
C GLY C 243 -5.83 4.58 -10.75
N GLY C 244 -5.80 4.42 -9.43
CA GLY C 244 -7.00 4.47 -8.61
C GLY C 244 -7.64 5.84 -8.42
N LYS C 245 -6.93 6.90 -8.80
CA LYS C 245 -7.46 8.26 -8.74
C LYS C 245 -7.53 8.94 -10.12
N LEU C 246 -7.63 8.14 -11.17
CA LEU C 246 -7.82 8.64 -12.54
C LEU C 246 -9.21 9.17 -12.75
N PHE C 247 -10.14 8.72 -11.93
CA PHE C 247 -11.55 9.03 -12.12
C PHE C 247 -12.20 9.65 -10.87
N LEU C 248 -13.37 10.25 -11.11
CA LEU C 248 -14.23 10.72 -10.03
C LEU C 248 -14.72 9.56 -9.16
N ARG C 249 -14.37 9.62 -7.87
CA ARG C 249 -14.84 8.64 -6.90
C ARG C 249 -15.86 9.31 -5.96
N SER C 250 -16.44 8.55 -5.04
CA SER C 250 -17.66 8.99 -4.34
C SER C 250 -17.48 10.08 -3.28
N ASP C 251 -16.29 10.17 -2.67
CA ASP C 251 -15.87 11.36 -1.85
C ASP C 251 -16.08 12.74 -2.50
N ALA C 252 -15.73 12.86 -3.78
CA ALA C 252 -15.85 14.13 -4.49
C ALA C 252 -17.31 14.44 -4.73
N LEU C 253 -18.07 13.44 -5.15
CA LEU C 253 -19.50 13.61 -5.40
C LEU C 253 -20.23 14.00 -4.11
N LEU C 254 -20.01 13.21 -3.06
CA LEU C 254 -20.73 13.38 -1.82
C LEU C 254 -20.36 14.68 -1.07
N ALA C 255 -19.09 15.08 -1.11
CA ALA C 255 -18.68 16.37 -0.58
C ALA C 255 -19.42 17.50 -1.29
N ALA C 256 -19.35 17.48 -2.62
CA ALA C 256 -20.12 18.44 -3.42
C ALA C 256 -21.62 18.46 -3.08
N LEU C 257 -22.26 17.30 -3.07
CA LEU C 257 -23.69 17.24 -2.71
C LEU C 257 -24.01 17.73 -1.30
N ALA C 258 -23.23 17.27 -0.33
CA ALA C 258 -23.37 17.67 1.05
C ALA C 258 -23.21 19.18 1.25
N ALA C 259 -22.17 19.73 0.67
CA ALA C 259 -21.88 21.15 0.84
C ALA C 259 -22.98 22.05 0.26
N ARG C 260 -23.58 21.65 -0.85
CA ARG C 260 -24.71 22.41 -1.39
C ARG C 260 -25.98 22.28 -0.49
N ALA C 261 -26.25 21.08 0.03
CA ALA C 261 -27.45 20.85 0.86
C ALA C 261 -27.39 21.61 2.19
N VAL C 262 -26.25 21.56 2.87
CA VAL C 262 -26.07 22.25 4.16
C VAL C 262 -25.55 23.69 4.03
N LYS C 263 -25.34 24.17 2.80
CA LYS C 263 -24.91 25.55 2.52
C LYS C 263 -23.69 25.93 3.37
N ARG C 264 -22.71 25.05 3.35
CA ARG C 264 -21.53 25.16 4.20
C ARG C 264 -20.46 24.19 3.69
N PRO C 265 -19.17 24.53 3.86
CA PRO C 265 -18.16 23.59 3.37
C PRO C 265 -18.21 22.24 4.09
N VAL C 266 -17.94 21.18 3.32
CA VAL C 266 -18.00 19.83 3.83
C VAL C 266 -16.81 19.07 3.28
N LYS C 267 -16.14 18.32 4.14
CA LYS C 267 -15.03 17.49 3.68
C LYS C 267 -15.28 16.01 4.02
N VAL C 268 -14.86 15.15 3.09
CA VAL C 268 -15.21 13.74 3.08
C VAL C 268 -13.97 12.93 2.73
N MET C 269 -13.63 12.00 3.61
CA MET C 269 -12.53 11.07 3.42
C MET C 269 -13.16 9.69 3.39
N LEU C 270 -12.84 8.88 2.37
CA LEU C 270 -13.26 7.46 2.36
C LEU C 270 -12.41 6.70 3.38
N PRO C 271 -13.04 6.10 4.41
CA PRO C 271 -12.23 5.37 5.40
C PRO C 271 -11.50 4.16 4.78
N ARG C 272 -10.36 3.78 5.35
CA ARG C 272 -9.48 2.83 4.70
C ARG C 272 -10.12 1.45 4.47
N PRO C 273 -10.85 0.93 5.48
CA PRO C 273 -11.57 -0.34 5.31
C PRO C 273 -12.58 -0.35 4.16
N SER C 274 -13.16 0.81 3.84
CA SER C 274 -14.12 0.90 2.76
C SER C 274 -13.52 0.98 1.38
N ILE C 275 -12.27 1.46 1.25
CA ILE C 275 -11.70 1.74 -0.04
C ILE C 275 -11.63 0.52 -1.00
N PRO C 276 -11.10 -0.64 -0.56
CA PRO C 276 -10.90 -1.67 -1.59
C PRO C 276 -12.16 -2.15 -2.33
N ASN C 277 -13.31 -2.20 -1.64
CA ASN C 277 -14.61 -2.52 -2.28
C ASN C 277 -15.37 -1.31 -2.83
N ASN C 278 -15.23 -0.14 -2.21
CA ASN C 278 -15.90 1.08 -2.71
C ASN C 278 -15.33 1.61 -4.02
N THR C 279 -14.00 1.57 -4.16
CA THR C 279 -13.34 2.14 -5.33
C THR C 279 -13.15 1.04 -6.39
N THR C 280 -12.00 1.02 -7.05
CA THR C 280 -11.75 0.10 -8.14
C THR C 280 -10.60 -0.81 -7.77
N HIS C 281 -10.41 -1.83 -8.58
CA HIS C 281 -9.38 -2.85 -8.36
C HIS C 281 -8.87 -3.27 -9.72
N ARG C 282 -7.62 -3.69 -9.82
CA ARG C 282 -7.18 -4.40 -11.01
C ARG C 282 -8.02 -5.69 -11.10
N PRO C 283 -8.73 -5.90 -12.22
CA PRO C 283 -9.36 -7.21 -12.42
C PRO C 283 -8.38 -8.39 -12.41
N ALA C 284 -8.80 -9.44 -11.73
CA ALA C 284 -8.25 -10.76 -11.88
C ALA C 284 -8.22 -11.16 -13.35
N THR C 285 -7.25 -12.00 -13.72
CA THR C 285 -7.22 -12.59 -15.05
C THR C 285 -7.10 -14.09 -14.98
N LEU C 286 -7.39 -14.68 -16.14
CA LEU C 286 -7.22 -16.07 -16.38
C LEU C 286 -6.75 -16.14 -17.83
N GLN C 287 -5.54 -16.63 -18.04
CA GLN C 287 -4.88 -16.47 -19.31
C GLN C 287 -4.41 -17.79 -19.86
N HIS C 288 -4.70 -18.02 -21.14
CA HIS C 288 -4.29 -19.21 -21.85
C HIS C 288 -3.27 -18.86 -22.93
N LEU C 289 -2.05 -19.36 -22.75
CA LEU C 289 -0.97 -19.16 -23.72
C LEU C 289 -0.56 -20.47 -24.36
N ARG C 290 -0.36 -20.44 -25.67
CA ARG C 290 0.20 -21.54 -26.42
C ARG C 290 1.23 -20.94 -27.36
N ILE C 291 2.50 -21.36 -27.21
CA ILE C 291 3.58 -20.83 -28.01
C ILE C 291 4.40 -21.96 -28.63
N GLY C 292 4.66 -21.83 -29.93
CA GLY C 292 5.44 -22.80 -30.69
C GLY C 292 6.69 -22.18 -31.27
N ALA C 293 7.76 -22.97 -31.28
CA ALA C 293 9.05 -22.57 -31.83
C ALA C 293 9.66 -23.70 -32.65
N ASP C 294 10.55 -23.33 -33.59
CA ASP C 294 11.13 -24.30 -34.49
C ASP C 294 12.39 -24.88 -33.86
N GLN C 295 13.02 -25.79 -34.61
CA GLN C 295 14.31 -26.42 -34.25
C GLN C 295 15.34 -25.39 -33.72
N SER C 296 15.50 -24.28 -34.42
CA SER C 296 16.49 -23.24 -34.04
C SER C 296 16.05 -22.28 -32.91
N GLY C 297 14.89 -22.49 -32.30
CA GLY C 297 14.40 -21.59 -31.22
C GLY C 297 13.64 -20.34 -31.66
N LYS C 298 13.35 -20.22 -32.96
CA LYS C 298 12.56 -19.11 -33.51
C LYS C 298 11.10 -19.41 -33.29
N ILE C 299 10.42 -18.50 -32.61
CA ILE C 299 9.00 -18.63 -32.32
C ILE C 299 8.27 -18.54 -33.66
N THR C 300 7.39 -19.49 -33.89
CA THR C 300 6.60 -19.53 -35.12
C THR C 300 5.10 -19.34 -34.91
N ALA C 301 4.63 -19.53 -33.68
CA ALA C 301 3.21 -19.49 -33.36
C ALA C 301 3.00 -18.92 -31.96
N ILE C 302 2.13 -17.94 -31.82
CA ILE C 302 1.79 -17.45 -30.48
C ILE C 302 0.30 -17.17 -30.35
N SER C 303 -0.29 -17.74 -29.31
CA SER C 303 -1.69 -17.57 -28.99
C SER C 303 -1.82 -17.10 -27.54
N HIS C 304 -2.54 -16.01 -27.34
CA HIS C 304 -2.78 -15.47 -26.02
C HIS C 304 -4.23 -15.01 -25.90
N GLU C 305 -5.00 -15.80 -25.13
CA GLU C 305 -6.36 -15.43 -24.74
C GLU C 305 -6.41 -15.13 -23.27
N SER C 306 -7.09 -14.04 -22.90
CA SER C 306 -7.25 -13.64 -21.50
C SER C 306 -8.73 -13.43 -21.13
N TRP C 307 -9.11 -13.94 -19.95
CA TRP C 307 -10.46 -13.81 -19.41
C TRP C 307 -10.41 -12.90 -18.21
N SER C 308 -11.25 -11.87 -18.22
CA SER C 308 -11.43 -11.01 -17.06
C SER C 308 -12.93 -10.70 -16.89
N GLY C 309 -13.27 -10.09 -15.77
CA GLY C 309 -14.65 -9.88 -15.37
C GLY C 309 -14.86 -8.45 -14.92
N ASN C 310 -16.06 -7.93 -15.14
CA ASN C 310 -16.41 -6.59 -14.69
C ASN C 310 -17.91 -6.40 -14.74
N LEU C 311 -18.37 -5.33 -14.10
CA LEU C 311 -19.77 -4.95 -14.15
C LEU C 311 -20.18 -4.68 -15.60
N PRO C 312 -21.49 -4.82 -15.93
CA PRO C 312 -21.96 -4.51 -17.28
C PRO C 312 -21.43 -3.18 -17.79
N GLY C 313 -20.84 -3.20 -18.99
CA GLY C 313 -20.27 -1.99 -19.57
C GLY C 313 -18.88 -1.64 -19.07
N GLY C 314 -18.35 -2.38 -18.10
CA GLY C 314 -17.01 -2.15 -17.60
C GLY C 314 -15.90 -2.67 -18.53
N THR C 315 -14.71 -2.14 -18.33
CA THR C 315 -13.54 -2.50 -19.13
C THR C 315 -12.98 -3.93 -18.91
N PRO C 316 -12.48 -4.57 -19.97
CA PRO C 316 -11.63 -5.75 -19.75
C PRO C 316 -10.23 -5.36 -19.28
N GLU C 317 -9.54 -6.26 -18.59
CA GLU C 317 -8.10 -6.10 -18.35
C GLU C 317 -7.38 -6.56 -19.64
N THR C 318 -6.66 -5.63 -20.28
CA THR C 318 -6.20 -5.78 -21.66
C THR C 318 -4.86 -6.52 -21.68
N ALA C 319 -4.96 -7.80 -21.30
CA ALA C 319 -3.79 -8.58 -20.96
C ALA C 319 -3.07 -9.23 -22.15
N VAL C 320 -3.58 -9.07 -23.37
CA VAL C 320 -3.00 -9.75 -24.52
C VAL C 320 -2.31 -8.82 -25.51
N GLN C 321 -2.47 -7.50 -25.36
CA GLN C 321 -1.90 -6.53 -26.31
C GLN C 321 -0.36 -6.62 -26.43
N GLN C 322 0.35 -6.75 -25.31
CA GLN C 322 1.82 -6.89 -25.37
C GLN C 322 2.27 -8.09 -26.22
N SER C 323 1.47 -9.15 -26.25
CA SER C 323 1.80 -10.34 -27.00
C SER C 323 1.62 -10.14 -28.51
N GLU C 324 0.94 -9.09 -28.92
CA GLU C 324 0.86 -8.72 -30.34
C GLU C 324 2.14 -8.02 -30.86
N LEU C 325 2.97 -7.50 -29.96
CA LEU C 325 4.14 -6.68 -30.36
C LEU C 325 5.51 -7.14 -29.82
N LEU C 326 5.55 -7.85 -28.71
CA LEU C 326 6.82 -8.03 -27.99
C LEU C 326 7.77 -9.02 -28.70
N TYR C 327 7.28 -10.19 -29.10
CA TYR C 327 8.14 -11.17 -29.77
C TYR C 327 7.74 -11.47 -31.20
N ALA C 328 8.70 -11.98 -31.94
CA ALA C 328 8.51 -12.39 -33.31
C ALA C 328 7.66 -13.66 -33.40
N GLY C 329 7.10 -13.86 -34.58
CA GLY C 329 6.22 -14.98 -34.84
C GLY C 329 5.31 -14.60 -35.97
N ALA C 330 5.35 -15.40 -37.03
CA ALA C 330 4.55 -15.15 -38.23
C ALA C 330 3.09 -15.54 -38.07
N ASN C 331 2.75 -16.33 -37.04
CA ASN C 331 1.41 -16.92 -36.88
C ASN C 331 0.86 -16.68 -35.48
N ARG C 332 -0.19 -15.87 -35.40
CA ARG C 332 -0.50 -15.20 -34.14
C ARG C 332 -1.99 -15.21 -33.88
N HIS C 333 -2.35 -15.40 -32.62
CA HIS C 333 -3.73 -15.27 -32.18
C HIS C 333 -3.78 -14.57 -30.83
N THR C 334 -4.56 -13.49 -30.76
CA THR C 334 -4.86 -12.83 -29.49
C THR C 334 -6.34 -12.55 -29.36
N GLY C 335 -6.83 -12.58 -28.12
CA GLY C 335 -8.27 -12.45 -27.85
C GLY C 335 -8.55 -12.15 -26.39
N LEU C 336 -9.46 -11.22 -26.14
CA LEU C 336 -10.03 -10.98 -24.81
C LEU C 336 -11.40 -11.64 -24.69
N ARG C 337 -11.70 -12.11 -23.49
CA ARG C 337 -13.04 -12.56 -23.11
C ARG C 337 -13.43 -11.91 -21.79
N LEU C 338 -14.60 -11.28 -21.78
CA LEU C 338 -15.06 -10.42 -20.66
C LEU C 338 -16.30 -11.04 -20.06
N ALA C 339 -16.20 -11.52 -18.82
CA ALA C 339 -17.36 -11.96 -18.08
C ALA C 339 -18.04 -10.79 -17.38
N THR C 340 -19.29 -11.00 -16.97
CA THR C 340 -20.03 -10.11 -16.11
C THR C 340 -19.90 -10.65 -14.71
N LEU C 341 -19.28 -9.87 -13.83
CA LEU C 341 -19.21 -10.20 -12.41
C LEU C 341 -19.77 -9.02 -11.60
N ASP C 342 -20.46 -9.34 -10.51
CA ASP C 342 -21.10 -8.34 -9.65
C ASP C 342 -20.23 -7.91 -8.46
N LEU C 343 -18.90 -8.06 -8.64
CA LEU C 343 -17.91 -7.49 -7.74
C LEU C 343 -17.89 -5.99 -7.96
N PRO C 344 -17.15 -5.25 -7.12
CA PRO C 344 -16.88 -3.83 -7.40
C PRO C 344 -16.27 -3.60 -8.78
N GLU C 345 -16.22 -2.34 -9.21
CA GLU C 345 -15.74 -2.00 -10.53
C GLU C 345 -14.27 -2.36 -10.71
N GLY C 346 -14.00 -3.19 -11.71
CA GLY C 346 -12.65 -3.38 -12.23
C GLY C 346 -12.21 -2.19 -13.06
N ASN C 347 -11.01 -1.71 -12.80
CA ASN C 347 -10.51 -0.60 -13.58
C ASN C 347 -8.99 -0.55 -13.52
N ALA C 348 -8.43 0.51 -14.08
CA ALA C 348 -6.98 0.66 -14.26
C ALA C 348 -6.21 0.67 -12.96
N MET C 349 -5.13 -0.10 -12.96
CA MET C 349 -4.10 -0.03 -11.95
C MET C 349 -2.76 -0.05 -12.69
N ARG C 350 -1.75 0.60 -12.12
CA ARG C 350 -0.40 0.67 -12.69
C ARG C 350 -0.07 -0.38 -13.77
N ALA C 351 0.00 0.08 -15.02
CA ALA C 351 0.20 -0.76 -16.20
C ALA C 351 -0.98 -1.70 -16.40
N PRO C 352 -2.16 -1.13 -16.66
CA PRO C 352 -3.34 -1.97 -16.88
C PRO C 352 -3.12 -2.81 -18.11
N GLY C 353 -3.40 -4.11 -18.01
CA GLY C 353 -3.25 -5.04 -19.12
C GLY C 353 -1.85 -5.62 -19.19
N GLU C 354 -0.85 -4.74 -19.28
CA GLU C 354 0.56 -5.18 -19.42
C GLU C 354 1.13 -5.85 -18.18
N ALA C 355 0.79 -5.36 -16.99
CA ALA C 355 1.29 -6.00 -15.75
C ALA C 355 0.80 -7.45 -15.68
N PRO C 356 -0.53 -7.67 -15.72
CA PRO C 356 -0.95 -9.06 -15.71
C PRO C 356 -0.53 -9.84 -16.97
N GLY C 357 -0.56 -9.19 -18.13
CA GLY C 357 -0.22 -9.89 -19.37
C GLY C 357 1.19 -10.44 -19.37
N LEU C 358 2.15 -9.61 -18.95
CA LEU C 358 3.54 -10.05 -18.78
C LEU C 358 3.77 -10.99 -17.62
N MET C 359 2.95 -10.86 -16.58
CA MET C 359 2.94 -11.84 -15.49
C MET C 359 2.79 -13.25 -16.04
N ALA C 360 1.95 -13.41 -17.06
CA ALA C 360 1.76 -14.72 -17.72
C ALA C 360 2.81 -14.96 -18.82
N LEU C 361 2.86 -14.06 -19.80
CA LEU C 361 3.70 -14.22 -20.99
C LEU C 361 5.14 -14.59 -20.66
N GLU C 362 5.73 -13.89 -19.68
CA GLU C 362 7.16 -14.03 -19.36
C GLU C 362 7.56 -15.24 -18.52
N ILE C 363 6.59 -15.90 -17.90
CA ILE C 363 6.80 -17.26 -17.39
C ILE C 363 6.72 -18.23 -18.56
N ALA C 364 5.73 -18.03 -19.43
CA ALA C 364 5.53 -18.92 -20.60
C ALA C 364 6.79 -18.95 -21.46
N ILE C 365 7.39 -17.79 -21.68
CA ILE C 365 8.66 -17.69 -22.39
C ILE C 365 9.74 -18.43 -21.61
N ASP C 366 9.81 -18.20 -20.30
CA ASP C 366 10.78 -18.94 -19.50
C ASP C 366 10.64 -20.43 -19.71
N GLU C 367 9.40 -20.94 -19.61
CA GLU C 367 9.12 -22.36 -19.82
C GLU C 367 9.55 -22.88 -21.21
N LEU C 368 9.14 -22.18 -22.26
CA LEU C 368 9.47 -22.56 -23.64
C LEU C 368 10.98 -22.53 -23.90
N ALA C 369 11.67 -21.51 -23.36
CA ALA C 369 13.14 -21.43 -23.44
C ALA C 369 13.81 -22.66 -22.83
N GLU C 370 13.33 -23.03 -21.65
CA GLU C 370 13.79 -24.23 -20.94
C GLU C 370 13.61 -25.47 -21.81
N LYS C 371 12.45 -25.58 -22.43
CA LYS C 371 12.15 -26.72 -23.30
C LYS C 371 13.02 -26.75 -24.56
N ALA C 372 13.36 -25.59 -25.11
CA ALA C 372 14.23 -25.48 -26.29
C ALA C 372 15.71 -25.73 -25.98
N GLY C 373 16.09 -25.75 -24.71
CA GLY C 373 17.49 -25.91 -24.30
C GLY C 373 18.29 -24.63 -24.47
N ILE C 374 17.62 -23.48 -24.38
CA ILE C 374 18.24 -22.20 -24.70
C ILE C 374 18.11 -21.27 -23.49
N ASP C 375 19.21 -20.58 -23.19
CA ASP C 375 19.25 -19.54 -22.17
C ASP C 375 18.11 -18.51 -22.40
N PRO C 376 17.29 -18.23 -21.37
CA PRO C 376 16.12 -17.36 -21.53
C PRO C 376 16.44 -15.93 -21.99
N VAL C 377 17.63 -15.41 -21.67
CA VAL C 377 18.09 -14.13 -22.24
C VAL C 377 18.28 -14.26 -23.75
N GLU C 378 18.98 -15.31 -24.17
CA GLU C 378 19.22 -15.54 -25.59
C GLU C 378 17.96 -15.87 -26.35
N PHE C 379 17.03 -16.56 -25.71
CA PHE C 379 15.78 -16.90 -26.37
C PHE C 379 15.04 -15.63 -26.77
N ARG C 380 14.97 -14.65 -25.85
CA ARG C 380 14.32 -13.36 -26.12
C ARG C 380 15.06 -12.54 -27.20
N ILE C 381 16.39 -12.51 -27.13
CA ILE C 381 17.19 -11.83 -28.15
C ILE C 381 16.96 -12.44 -29.53
N LEU C 382 16.82 -13.75 -29.56
CA LEU C 382 16.62 -14.50 -30.80
C LEU C 382 15.27 -14.14 -31.45
N ASN C 383 14.27 -13.84 -30.63
CA ASN C 383 12.93 -13.48 -31.09
C ASN C 383 12.56 -12.00 -30.93
N ASP C 384 13.57 -11.13 -30.98
CA ASP C 384 13.36 -9.69 -31.11
C ASP C 384 12.67 -9.41 -32.45
N THR C 385 11.75 -8.46 -32.45
CA THR C 385 11.14 -7.94 -33.65
C THR C 385 11.25 -6.39 -33.64
N GLN C 386 11.96 -5.88 -34.64
CA GLN C 386 12.13 -4.46 -34.87
C GLN C 386 10.98 -3.86 -35.68
N VAL C 387 10.03 -4.68 -36.11
CA VAL C 387 8.79 -4.19 -36.73
C VAL C 387 7.56 -4.83 -36.06
N ASP C 388 6.40 -4.27 -36.39
CA ASP C 388 5.11 -4.79 -35.98
C ASP C 388 4.92 -6.20 -36.61
N PRO C 389 4.82 -7.27 -35.80
CA PRO C 389 4.67 -8.62 -36.41
C PRO C 389 3.41 -8.81 -37.23
N ALA C 390 2.36 -8.06 -36.93
CA ALA C 390 1.13 -8.08 -37.74
C ALA C 390 1.18 -7.14 -38.96
N GLY C 391 2.18 -6.29 -39.06
CA GLY C 391 2.33 -5.37 -40.20
C GLY C 391 3.78 -5.01 -40.42
N PRO C 392 4.56 -5.93 -41.03
CA PRO C 392 6.01 -5.75 -41.18
C PRO C 392 6.50 -4.41 -41.72
N THR C 393 5.70 -3.69 -42.50
CA THR C 393 6.12 -2.37 -42.98
C THR C 393 6.18 -1.28 -41.88
N ARG C 394 5.64 -1.58 -40.71
CA ARG C 394 5.50 -0.62 -39.61
C ARG C 394 6.60 -0.81 -38.56
N PHE C 396 9.19 -0.09 -35.30
CA PHE C 396 9.27 0.52 -33.98
C PHE C 396 10.10 1.78 -34.13
N SER C 397 9.63 2.89 -33.56
CA SER C 397 10.41 4.13 -33.55
C SER C 397 11.80 3.89 -33.00
N ARG C 398 11.89 3.07 -31.94
CA ARG C 398 13.16 2.87 -31.22
C ARG C 398 12.95 1.70 -30.25
N ARG C 399 13.70 0.63 -30.43
CA ARG C 399 13.53 -0.57 -29.64
C ARG C 399 14.86 -1.16 -29.20
N GLN C 400 15.07 -1.17 -27.88
CA GLN C 400 16.34 -1.53 -27.26
C GLN C 400 16.17 -2.64 -26.25
N LEU C 401 15.26 -3.57 -26.56
CA LEU C 401 15.05 -4.70 -25.69
C LEU C 401 16.31 -5.55 -25.64
N ILE C 402 16.92 -5.82 -26.80
CA ILE C 402 18.15 -6.61 -26.84
C ILE C 402 19.19 -5.99 -25.88
N GLU C 403 19.48 -4.72 -26.09
CA GLU C 403 20.47 -3.97 -25.28
C GLU C 403 20.16 -3.94 -23.78
N CYS C 404 18.87 -3.82 -23.43
CA CYS C 404 18.45 -3.88 -22.03
C CYS C 404 18.88 -5.20 -21.42
N LEU C 405 18.58 -6.28 -22.13
CA LEU C 405 18.86 -7.61 -21.65
C LEU C 405 20.33 -7.90 -21.53
N ARG C 406 21.10 -7.56 -22.57
CA ARG C 406 22.56 -7.80 -22.55
C ARG C 406 23.23 -6.99 -21.47
N THR C 407 22.88 -5.71 -21.39
CA THR C 407 23.43 -4.83 -20.36
C THR C 407 23.08 -5.38 -19.01
N GLY C 408 21.81 -5.73 -18.83
CA GLY C 408 21.33 -6.31 -17.61
C GLY C 408 22.08 -7.55 -17.22
N ALA C 409 22.18 -8.51 -18.14
CA ALA C 409 22.88 -9.76 -17.88
C ALA C 409 24.33 -9.50 -17.46
N ASP C 410 25.01 -8.59 -18.16
CA ASP C 410 26.41 -8.26 -17.84
C ASP C 410 26.51 -7.67 -16.44
N LYS C 411 25.69 -6.65 -16.14
CA LYS C 411 25.72 -6.02 -14.82
C LYS C 411 25.33 -7.03 -13.73
N PHE C 412 24.28 -7.79 -13.98
CA PHE C 412 23.74 -8.74 -12.99
C PHE C 412 24.66 -9.92 -12.69
N GLY C 413 25.48 -10.31 -13.67
CA GLY C 413 26.23 -11.54 -13.58
C GLY C 413 25.31 -12.71 -13.81
N TRP C 414 24.50 -12.61 -14.86
CA TRP C 414 23.57 -13.66 -15.26
C TRP C 414 24.26 -15.00 -15.56
N LYS C 415 25.51 -14.93 -16.07
CA LYS C 415 26.29 -16.12 -16.36
C LYS C 415 26.65 -16.92 -15.12
N GLN C 416 26.65 -16.29 -13.94
CA GLN C 416 26.85 -17.03 -12.67
C GLN C 416 25.68 -17.96 -12.33
N ARG C 417 24.50 -17.75 -12.91
CA ARG C 417 23.33 -18.58 -12.61
C ARG C 417 23.60 -20.03 -12.90
N ASN C 418 23.04 -20.91 -12.07
CA ASN C 418 22.98 -22.33 -12.35
C ASN C 418 21.70 -22.63 -13.10
N ALA C 419 21.83 -23.17 -14.30
CA ALA C 419 20.69 -23.37 -15.20
C ALA C 419 19.81 -24.52 -14.74
N THR C 420 20.39 -25.49 -14.05
CA THR C 420 19.64 -26.59 -13.46
C THR C 420 19.07 -26.06 -12.17
N PRO C 421 17.74 -26.10 -11.99
CA PRO C 421 17.14 -25.52 -10.77
C PRO C 421 17.41 -26.30 -9.50
N GLY C 422 17.37 -25.61 -8.35
CA GLY C 422 17.48 -26.25 -7.03
C GLY C 422 18.85 -26.53 -6.43
N GLN C 423 19.92 -26.15 -7.12
CA GLN C 423 21.29 -26.60 -6.78
C GLN C 423 22.11 -25.59 -5.96
N VAL C 424 21.60 -24.38 -5.76
CA VAL C 424 22.34 -23.36 -5.04
C VAL C 424 21.67 -23.06 -3.69
N ARG C 425 22.48 -23.18 -2.63
CA ARG C 425 22.11 -22.89 -1.24
C ARG C 425 22.97 -21.74 -0.68
N ASP C 426 22.38 -20.99 0.23
CA ASP C 426 23.11 -20.07 1.10
C ASP C 426 22.47 -20.31 2.46
N GLY C 427 23.06 -21.24 3.20
CA GLY C 427 22.53 -21.65 4.49
C GLY C 427 21.28 -22.48 4.30
N GLU C 428 20.18 -22.05 4.92
CA GLU C 428 18.91 -22.78 4.78
C GLU C 428 18.08 -22.31 3.57
N TRP C 429 18.62 -21.37 2.79
CA TRP C 429 17.91 -20.75 1.68
C TRP C 429 18.34 -21.34 0.35
N LEU C 430 17.34 -21.66 -0.48
CA LEU C 430 17.56 -22.00 -1.89
C LEU C 430 17.65 -20.72 -2.69
N VAL C 431 18.76 -20.51 -3.41
CA VAL C 431 19.00 -19.27 -4.15
C VAL C 431 18.69 -19.45 -5.62
N GLY C 432 18.01 -18.47 -6.20
CA GLY C 432 17.57 -18.52 -7.59
C GLY C 432 17.75 -17.21 -8.32
N HIS C 433 17.90 -17.32 -9.63
CA HIS C 433 18.04 -16.18 -10.52
C HIS C 433 16.99 -16.30 -11.60
N GLY C 434 16.39 -15.19 -11.98
CA GLY C 434 15.39 -15.20 -13.06
C GLY C 434 15.36 -13.89 -13.82
N VAL C 435 14.81 -13.95 -15.02
CA VAL C 435 14.79 -12.81 -15.92
C VAL C 435 13.44 -12.67 -16.58
N ALA C 436 13.07 -11.43 -16.89
CA ALA C 436 11.83 -11.17 -17.63
C ALA C 436 11.97 -9.90 -18.41
N ALA C 437 11.24 -9.80 -19.53
CA ALA C 437 11.13 -8.56 -20.32
C ALA C 437 9.99 -7.66 -19.84
N GLY C 438 10.24 -6.35 -19.86
CA GLY C 438 9.19 -5.35 -19.67
C GLY C 438 8.86 -4.77 -21.04
N PHE C 439 7.61 -4.36 -21.19
CA PHE C 439 7.12 -3.70 -22.40
C PHE C 439 5.93 -2.81 -22.03
N HIS C 440 5.90 -1.62 -22.62
CA HIS C 440 4.78 -0.70 -22.46
C HIS C 440 4.78 0.30 -23.59
N ASN C 441 3.61 0.52 -24.18
CA ASN C 441 3.47 1.49 -25.27
C ASN C 441 3.61 2.91 -24.80
N ASN C 442 3.99 3.77 -25.74
CA ASN C 442 4.12 5.19 -25.50
C ASN C 442 2.90 5.85 -26.10
N LEU C 443 2.05 6.42 -25.27
CA LEU C 443 0.83 7.07 -25.73
C LEU C 443 1.06 8.57 -25.75
N LEU C 444 0.48 9.25 -26.73
CA LEU C 444 0.53 10.69 -26.88
C LEU C 444 -0.88 11.27 -26.69
N GLU C 445 -0.93 12.45 -26.07
CA GLU C 445 -2.18 13.19 -25.84
C GLU C 445 -1.87 14.67 -25.82
N LYS C 446 -2.82 15.47 -26.28
CA LYS C 446 -2.70 16.93 -26.30
C LYS C 446 -2.51 17.49 -24.88
N SER C 447 -1.67 18.50 -24.74
CA SER C 447 -1.35 19.08 -23.44
C SER C 447 -0.91 20.53 -23.59
N GLY C 448 -1.41 21.38 -22.71
CA GLY C 448 -1.16 22.80 -22.75
C GLY C 448 -0.44 23.32 -21.52
N ALA C 449 0.15 24.50 -21.64
CA ALA C 449 0.73 25.20 -20.50
C ALA C 449 0.82 26.71 -20.73
N ARG C 450 0.84 27.45 -19.63
CA ARG C 450 1.04 28.89 -19.62
C ARG C 450 2.35 29.14 -18.90
N VAL C 451 3.19 30.00 -19.48
CA VAL C 451 4.53 30.31 -18.97
C VAL C 451 4.78 31.82 -19.01
N HIS C 452 5.21 32.38 -17.88
CA HIS C 452 5.40 33.82 -17.72
C HIS C 452 6.85 34.15 -17.45
N LEU C 453 7.43 35.11 -18.17
CA LEU C 453 8.68 35.72 -17.72
C LEU C 453 8.26 36.89 -16.86
N GLU C 454 8.66 36.87 -15.59
CA GLU C 454 8.32 37.94 -14.67
C GLU C 454 9.39 39.02 -14.74
N GLN C 455 9.03 40.22 -14.27
CA GLN C 455 9.89 41.39 -14.35
C GLN C 455 11.14 41.31 -13.48
N ASN C 456 11.06 40.61 -12.34
CA ASN C 456 12.28 40.28 -11.58
C ASN C 456 13.14 39.15 -12.19
N GLY C 457 12.82 38.70 -13.40
CA GLY C 457 13.62 37.66 -14.09
C GLY C 457 13.25 36.20 -13.82
N THR C 458 12.33 35.95 -12.88
CA THR C 458 11.83 34.60 -12.59
C THR C 458 10.83 34.15 -13.63
N VAL C 459 10.58 32.84 -13.66
CA VAL C 459 9.69 32.21 -14.63
C VAL C 459 8.57 31.46 -13.91
N THR C 460 7.34 31.59 -14.41
CA THR C 460 6.19 30.98 -13.76
C THR C 460 5.52 29.97 -14.71
N VAL C 461 5.46 28.71 -14.31
CA VAL C 461 4.77 27.69 -15.09
C VAL C 461 3.41 27.37 -14.45
N GLU C 462 2.33 27.51 -15.24
CA GLU C 462 0.99 27.06 -14.86
C GLU C 462 0.49 26.00 -15.83
N THR C 463 0.02 24.89 -15.29
CA THR C 463 -0.63 23.85 -16.07
C THR C 463 -1.45 22.98 -15.11
N ASP C 464 -2.54 22.37 -15.57
CA ASP C 464 -3.35 21.56 -14.65
C ASP C 464 -2.79 20.15 -14.47
N MET C 465 -1.61 19.88 -15.01
CA MET C 465 -0.91 18.62 -14.80
C MET C 465 -0.76 18.34 -13.30
N THR C 466 -0.67 17.07 -12.94
CA THR C 466 -0.59 16.65 -11.55
C THR C 466 0.79 16.06 -11.26
N ASP C 467 1.18 16.14 -9.99
CA ASP C 467 2.37 15.47 -9.47
C ASP C 467 1.87 14.60 -8.34
N ILE C 468 1.72 13.31 -8.67
CA ILE C 468 1.21 12.28 -7.76
C ILE C 468 2.31 11.53 -7.01
N GLY C 469 3.52 12.10 -6.95
CA GLY C 469 4.74 11.43 -6.54
C GLY C 469 5.68 11.09 -7.69
N THR C 470 5.26 11.43 -8.90
CA THR C 470 6.04 11.21 -10.08
C THR C 470 7.26 12.17 -10.22
N GLY C 471 7.07 13.43 -9.86
CA GLY C 471 8.09 14.47 -10.07
C GLY C 471 7.78 15.49 -11.15
N SER C 472 6.53 15.53 -11.62
CA SER C 472 6.10 16.54 -12.59
C SER C 472 6.53 17.99 -12.24
N TYR C 473 6.37 18.40 -10.98
CA TYR C 473 6.76 19.74 -10.56
C TYR C 473 8.18 20.01 -11.04
N THR C 474 9.05 19.08 -10.72
CA THR C 474 10.48 19.23 -10.91
C THR C 474 10.87 19.18 -12.40
N ILE C 475 10.42 18.17 -13.13
CA ILE C 475 10.75 18.06 -14.55
C ILE C 475 10.19 19.20 -15.44
N LEU C 476 9.03 19.73 -15.05
CA LEU C 476 8.42 20.89 -15.71
C LEU C 476 9.26 22.13 -15.47
N ALA C 477 9.77 22.27 -14.25
CA ALA C 477 10.67 23.37 -13.90
C ALA C 477 11.99 23.26 -14.70
N GLN C 478 12.49 22.03 -14.86
CA GLN C 478 13.71 21.78 -15.63
C GLN C 478 13.49 22.14 -17.10
N THR C 479 12.33 21.76 -17.62
CA THR C 479 11.98 22.07 -18.99
C THR C 479 11.99 23.56 -19.24
N ALA C 480 11.31 24.34 -18.41
CA ALA C 480 11.26 25.80 -18.60
C ALA C 480 12.62 26.50 -18.40
N ALA C 481 13.34 26.06 -17.37
CA ALA C 481 14.68 26.56 -17.07
C ALA C 481 15.61 26.31 -18.26
N GLU C 482 15.57 25.10 -18.82
CA GLU C 482 16.32 24.76 -20.03
C GLU C 482 16.00 25.68 -21.22
N MET C 483 14.70 25.84 -21.51
CA MET C 483 14.26 26.64 -22.66
C MET C 483 14.57 28.12 -22.54
N LEU C 484 14.51 28.67 -21.33
CA LEU C 484 14.69 30.12 -21.16
C LEU C 484 16.07 30.58 -20.66
N GLY C 485 16.96 29.63 -20.34
CA GLY C 485 18.35 29.95 -19.95
C GLY C 485 18.50 30.52 -18.55
N VAL C 486 17.56 30.12 -17.68
CA VAL C 486 17.54 30.55 -16.27
C VAL C 486 17.89 29.34 -15.43
N PRO C 487 18.38 29.57 -14.19
CA PRO C 487 18.67 28.41 -13.36
C PRO C 487 17.36 27.85 -12.79
N LEU C 488 17.37 26.56 -12.45
CA LEU C 488 16.18 25.84 -12.01
C LEU C 488 15.43 26.58 -10.88
N GLU C 489 16.19 27.03 -9.88
CA GLU C 489 15.64 27.68 -8.69
C GLU C 489 14.91 29.02 -8.92
N GLN C 490 14.83 29.48 -10.16
CA GLN C 490 14.12 30.71 -10.52
C GLN C 490 12.81 30.43 -11.20
N VAL C 491 12.41 29.18 -11.23
CA VAL C 491 11.22 28.77 -11.92
C VAL C 491 10.23 28.41 -10.85
N ALA C 492 9.07 29.05 -10.85
CA ALA C 492 7.94 28.62 -10.03
C ALA C 492 7.09 27.70 -10.90
N VAL C 493 6.56 26.63 -10.30
CA VAL C 493 5.64 25.71 -10.98
C VAL C 493 4.34 25.51 -10.18
N HIS C 494 3.23 25.81 -10.84
CA HIS C 494 1.92 25.72 -10.23
C HIS C 494 1.09 24.68 -10.97
N LEU C 495 0.66 23.64 -10.23
CA LEU C 495 0.00 22.47 -10.83
C LEU C 495 -1.39 22.20 -10.26
N GLY C 496 -2.10 21.31 -10.94
CA GLY C 496 -3.29 20.66 -10.43
C GLY C 496 -4.44 21.58 -10.07
N ASP C 497 -4.69 22.57 -10.92
CA ASP C 497 -5.78 23.50 -10.74
C ASP C 497 -6.43 23.72 -12.11
N SER C 498 -7.77 23.64 -12.15
CA SER C 498 -8.50 23.70 -13.41
C SER C 498 -8.56 25.10 -13.96
N SER C 499 -8.23 26.12 -13.17
CA SER C 499 -8.04 27.47 -13.71
C SER C 499 -6.76 27.64 -14.57
N PHE C 500 -5.92 26.60 -14.63
CA PHE C 500 -4.73 26.54 -15.50
C PHE C 500 -5.00 25.79 -16.79
N PRO C 501 -4.14 25.96 -17.81
CA PRO C 501 -4.31 25.22 -19.07
C PRO C 501 -4.44 23.72 -18.90
N VAL C 502 -5.23 23.11 -19.78
CA VAL C 502 -5.56 21.69 -19.76
C VAL C 502 -4.35 20.87 -20.23
N SER C 503 -3.84 20.01 -19.36
CA SER C 503 -2.81 19.05 -19.68
C SER C 503 -3.39 17.66 -19.89
N ALA C 504 -2.56 16.76 -20.36
CA ALA C 504 -2.95 15.34 -20.51
C ALA C 504 -3.10 14.59 -19.18
N GLY C 505 -2.61 15.15 -18.07
CA GLY C 505 -2.73 14.53 -16.76
C GLY C 505 -1.72 13.42 -16.47
N SER C 506 -1.76 12.89 -15.25
CA SER C 506 -0.91 11.76 -14.87
C SER C 506 -1.64 10.46 -15.12
N GLY C 507 -1.39 9.88 -16.30
CA GLY C 507 -1.96 8.59 -16.65
C GLY C 507 -1.33 8.05 -17.92
N GLY C 508 -1.37 6.74 -18.10
CA GLY C 508 -0.82 6.08 -19.29
C GLY C 508 0.69 6.17 -19.51
N GLN C 509 1.40 6.54 -18.45
CA GLN C 509 2.75 7.07 -18.50
C GLN C 509 3.00 7.97 -19.69
N TRP C 510 2.03 8.82 -20.02
CA TRP C 510 2.22 9.84 -21.05
C TRP C 510 2.50 11.18 -20.41
N GLY C 511 2.47 11.26 -19.08
CA GLY C 511 2.43 12.56 -18.39
C GLY C 511 3.70 13.38 -18.45
N ALA C 512 4.85 12.75 -18.20
CA ALA C 512 6.15 13.45 -18.27
C ALA C 512 6.34 14.07 -19.63
N ASN C 513 6.19 13.24 -20.65
CA ASN C 513 6.45 13.61 -22.03
C ASN C 513 5.47 14.64 -22.58
N THR C 514 4.18 14.41 -22.38
CA THR C 514 3.14 15.33 -22.84
C THR C 514 3.20 16.68 -22.14
N SER C 515 3.36 16.66 -20.82
CA SER C 515 3.30 17.88 -20.02
C SER C 515 4.53 18.74 -20.27
N THR C 516 5.71 18.12 -20.36
CA THR C 516 6.91 18.88 -20.68
C THR C 516 6.92 19.39 -22.11
N SER C 517 6.30 18.64 -23.03
CA SER C 517 6.17 19.09 -24.43
C SER C 517 5.23 20.31 -24.57
N GLY C 518 4.19 20.38 -23.75
CA GLY C 518 3.35 21.57 -23.70
C GLY C 518 4.11 22.78 -23.21
N VAL C 519 4.95 22.57 -22.19
CA VAL C 519 5.79 23.63 -21.67
C VAL C 519 6.81 24.05 -22.74
N TYR C 520 7.41 23.07 -23.42
CA TYR C 520 8.27 23.34 -24.57
C TYR C 520 7.58 24.25 -25.57
N ALA C 521 6.32 23.95 -25.89
CA ALA C 521 5.57 24.73 -26.88
C ALA C 521 5.28 26.16 -26.43
N ALA C 522 4.91 26.32 -25.16
CA ALA C 522 4.72 27.66 -24.57
C ALA C 522 6.03 28.46 -24.51
N CYS C 523 7.10 27.79 -24.08
CA CYS C 523 8.41 28.42 -23.98
C CYS C 523 8.98 28.84 -25.34
N MET C 524 8.63 28.11 -26.40
CA MET C 524 9.04 28.49 -27.76
C MET C 524 8.36 29.78 -28.17
N LYS C 525 7.07 29.87 -27.92
CA LYS C 525 6.36 31.14 -28.09
C LYS C 525 6.94 32.27 -27.21
N LEU C 526 7.27 31.96 -25.96
CA LEU C 526 7.80 32.97 -25.04
C LEU C 526 9.16 33.50 -25.52
N ARG C 527 10.07 32.61 -25.89
CA ARG C 527 11.35 32.97 -26.55
C ARG C 527 11.16 33.91 -27.75
N GLU C 528 10.17 33.60 -28.57
CA GLU C 528 9.77 34.45 -29.70
C GLU C 528 9.31 35.85 -29.23
N MET C 529 8.46 35.89 -28.18
CA MET C 529 7.98 37.16 -27.61
C MET C 529 9.07 37.98 -26.95
N ILE C 530 9.98 37.30 -26.27
CA ILE C 530 11.20 37.92 -25.72
C ILE C 530 12.08 38.49 -26.82
N ALA C 531 12.45 37.68 -27.80
CA ALA C 531 13.22 38.13 -28.97
C ALA C 531 12.67 39.41 -29.60
N SER C 532 11.35 39.49 -29.67
CA SER C 532 10.66 40.59 -30.30
C SER C 532 10.68 41.87 -29.44
N ALA C 533 10.69 41.71 -28.12
CA ALA C 533 10.76 42.84 -27.20
C ALA C 533 12.12 43.57 -27.24
N VAL C 534 13.19 42.86 -27.52
CA VAL C 534 14.52 43.46 -27.61
C VAL C 534 15.00 43.63 -29.05
N GLY C 535 14.09 43.49 -30.01
CA GLY C 535 14.39 43.71 -31.44
C GLY C 535 15.34 42.70 -32.08
N PHE C 536 15.30 41.45 -31.63
CA PHE C 536 16.12 40.38 -32.20
C PHE C 536 15.26 39.40 -32.98
N ASP C 537 15.91 38.67 -33.89
CA ASP C 537 15.27 37.63 -34.67
C ASP C 537 15.23 36.37 -33.82
N PRO C 538 14.03 35.79 -33.61
CA PRO C 538 13.93 34.55 -32.85
C PRO C 538 14.81 33.39 -33.36
N GLU C 539 14.86 33.20 -34.68
CA GLU C 539 15.56 32.03 -35.26
C GLU C 539 17.05 32.02 -34.92
N GLN C 540 17.66 33.20 -34.95
CA GLN C 540 19.08 33.37 -34.67
C GLN C 540 19.43 33.74 -33.21
N SER C 541 18.47 33.61 -32.29
CA SER C 541 18.71 33.99 -30.90
C SER C 541 18.92 32.77 -29.99
N GLN C 542 19.81 32.92 -29.03
CA GLN C 542 20.03 31.91 -27.99
C GLN C 542 19.75 32.48 -26.61
N PHE C 543 19.43 31.59 -25.69
CA PHE C 543 18.97 31.93 -24.34
C PHE C 543 19.85 31.24 -23.31
N ALA C 544 20.69 31.99 -22.61
CA ALA C 544 21.60 31.40 -21.62
C ALA C 544 22.02 32.42 -20.56
N ASP C 545 22.34 31.94 -19.37
CA ASP C 545 22.86 32.78 -18.29
C ASP C 545 21.99 34.03 -18.08
N GLY C 546 20.67 33.86 -18.10
CA GLY C 546 19.73 34.96 -17.91
C GLY C 546 19.79 36.06 -18.97
N LYS C 547 20.18 35.68 -20.19
CA LYS C 547 20.37 36.61 -21.29
C LYS C 547 19.86 36.03 -22.61
N ILE C 548 19.64 36.92 -23.58
CA ILE C 548 19.35 36.53 -24.97
C ILE C 548 20.45 37.12 -25.85
N THR C 549 21.07 36.29 -26.68
CA THR C 549 22.12 36.73 -27.59
C THR C 549 21.72 36.43 -29.02
N ASN C 550 22.23 37.23 -29.94
CA ASN C 550 21.82 37.20 -31.33
C ASN C 550 22.98 37.69 -32.20
N GLY C 551 23.84 36.76 -32.57
CA GLY C 551 25.11 37.09 -33.22
C GLY C 551 25.96 37.89 -32.25
N THR C 552 26.30 39.12 -32.64
CA THR C 552 27.06 40.04 -31.81
C THR C 552 26.17 40.81 -30.81
N ARG C 553 24.86 40.84 -31.05
CA ARG C 553 23.93 41.57 -30.17
C ARG C 553 23.56 40.72 -28.94
N SER C 554 23.28 41.38 -27.82
CA SER C 554 23.10 40.71 -26.53
C SER C 554 22.30 41.54 -25.51
N ALA C 555 21.13 41.04 -25.09
CA ALA C 555 20.27 41.69 -24.07
C ALA C 555 20.06 40.81 -22.87
N THR C 556 19.56 41.40 -21.81
CA THR C 556 19.28 40.66 -20.59
C THR C 556 17.76 40.44 -20.48
N LEU C 557 17.34 39.31 -19.90
CA LEU C 557 15.91 39.01 -19.76
C LEU C 557 15.14 40.01 -18.89
N HIS C 558 15.85 40.73 -18.03
CA HIS C 558 15.29 41.88 -17.29
C HIS C 558 14.76 42.94 -18.25
N GLU C 559 15.52 43.24 -19.29
CA GLU C 559 15.15 44.26 -20.28
C GLU C 559 13.93 43.92 -21.12
N ALA C 560 13.79 42.63 -21.48
CA ALA C 560 12.64 42.17 -22.26
C ALA C 560 11.29 42.44 -21.57
N THR C 561 11.29 42.41 -20.23
CA THR C 561 10.08 42.57 -19.43
C THR C 561 9.94 43.95 -18.79
N ALA C 562 10.84 44.88 -19.13
CA ALA C 562 10.75 46.25 -18.63
C ALA C 562 9.39 46.86 -18.98
N GLY C 563 8.94 46.63 -20.22
CA GLY C 563 7.56 46.91 -20.62
C GLY C 563 6.61 45.76 -20.25
N GLY C 564 6.39 45.56 -18.95
CA GLY C 564 5.45 44.54 -18.42
C GLY C 564 5.87 43.09 -18.61
N ARG C 565 5.24 42.19 -17.86
CA ARG C 565 5.56 40.76 -17.95
C ARG C 565 5.15 40.13 -19.29
N LEU C 566 5.86 39.07 -19.71
CA LEU C 566 5.56 38.37 -20.95
C LEU C 566 4.92 37.01 -20.64
N THR C 567 3.80 36.73 -21.29
CA THR C 567 3.00 35.53 -21.03
C THR C 567 2.72 34.84 -22.34
N ALA C 568 3.00 33.54 -22.39
CA ALA C 568 2.68 32.74 -23.56
C ALA C 568 1.85 31.56 -23.08
N GLU C 569 0.83 31.20 -23.84
CA GLU C 569 0.00 30.02 -23.55
C GLU C 569 -0.18 29.18 -24.80
N GLU C 570 0.26 27.92 -24.78
CA GLU C 570 0.24 27.05 -25.95
C GLU C 570 -0.03 25.59 -25.61
N SER C 571 -0.46 24.82 -26.61
CA SER C 571 -0.56 23.38 -26.51
C SER C 571 0.28 22.66 -27.58
N ILE C 572 0.79 21.49 -27.20
CA ILE C 572 1.28 20.52 -28.16
C ILE C 572 0.18 19.55 -28.57
N GLU C 573 0.12 19.25 -29.86
CA GLU C 573 -0.81 18.28 -30.45
C GLU C 573 -0.03 17.26 -31.26
N PHE C 574 -0.53 16.04 -31.27
CA PHE C 574 0.21 14.94 -31.88
C PHE C 574 -0.52 14.38 -33.10
N GLY C 575 0.20 14.34 -34.22
CA GLY C 575 -0.33 13.81 -35.49
C GLY C 575 -0.13 12.33 -35.66
N THR C 576 0.19 11.90 -36.88
CA THR C 576 0.13 10.48 -37.24
C THR C 576 1.42 9.68 -37.02
N LEU C 577 2.36 10.19 -36.22
CA LEU C 577 3.59 9.44 -35.93
C LEU C 577 3.38 8.16 -35.13
N SER C 578 2.40 8.13 -34.24
CA SER C 578 2.08 6.88 -33.51
C SER C 578 1.33 5.82 -34.36
N LYS C 579 0.84 6.21 -35.54
CA LYS C 579 0.37 5.26 -36.54
C LYS C 579 1.52 4.82 -37.43
N GLU C 580 2.28 5.78 -37.91
CA GLU C 580 3.38 5.51 -38.84
C GLU C 580 4.44 4.57 -38.24
N TYR C 581 4.77 4.80 -36.97
CA TYR C 581 5.70 3.96 -36.20
C TYR C 581 4.99 3.40 -35.00
N GLN C 582 5.52 2.29 -34.48
CA GLN C 582 5.08 1.74 -33.19
C GLN C 582 5.99 2.33 -32.12
N GLN C 583 5.41 3.13 -31.23
CA GLN C 583 6.19 3.76 -30.17
C GLN C 583 5.97 2.98 -28.90
N SER C 584 7.04 2.40 -28.38
CA SER C 584 7.01 1.61 -27.16
C SER C 584 8.28 1.81 -26.35
N THR C 585 8.29 1.19 -25.17
CA THR C 585 9.34 1.31 -24.19
C THR C 585 9.58 -0.07 -23.70
N PHE C 586 10.79 -0.33 -23.24
CA PHE C 586 11.27 -1.70 -22.98
C PHE C 586 12.12 -1.77 -21.72
N ALA C 587 12.27 -2.98 -21.18
CA ALA C 587 13.09 -3.20 -19.99
C ALA C 587 13.59 -4.61 -19.87
N GLY C 588 14.60 -4.79 -19.04
CA GLY C 588 15.06 -6.12 -18.68
C GLY C 588 15.05 -6.23 -17.18
N HIS C 589 14.30 -7.18 -16.63
CA HIS C 589 14.25 -7.35 -15.17
C HIS C 589 15.01 -8.58 -14.71
N PHE C 590 16.00 -8.38 -13.85
CA PHE C 590 16.86 -9.43 -13.33
C PHE C 590 16.66 -9.52 -11.83
N VAL C 591 16.37 -10.71 -11.32
CA VAL C 591 16.12 -10.91 -9.91
C VAL C 591 16.89 -12.11 -9.37
N GLU C 592 17.44 -11.95 -8.18
CA GLU C 592 17.87 -13.06 -7.37
C GLU C 592 16.90 -13.17 -6.19
N VAL C 593 16.46 -14.41 -5.89
CA VAL C 593 15.60 -14.67 -4.74
C VAL C 593 16.17 -15.74 -3.84
N GLY C 594 15.67 -15.73 -2.62
CA GLY C 594 15.90 -16.80 -1.65
C GLY C 594 14.57 -17.43 -1.32
N VAL C 595 14.54 -18.75 -1.25
CA VAL C 595 13.38 -19.52 -0.79
C VAL C 595 13.81 -20.39 0.36
N HIS C 596 13.17 -20.22 1.51
CA HIS C 596 13.53 -21.02 2.66
C HIS C 596 13.21 -22.50 2.42
N SER C 597 14.20 -23.36 2.62
CA SER C 597 14.11 -24.77 2.24
C SER C 597 13.14 -25.59 3.10
N ALA C 598 12.87 -25.11 4.31
CA ALA C 598 11.82 -25.65 5.21
C ALA C 598 10.43 -25.02 5.05
N THR C 599 10.34 -23.69 5.19
CA THR C 599 9.06 -22.98 5.35
C THR C 599 8.47 -22.49 4.03
N GLY C 600 9.31 -22.38 2.99
CA GLY C 600 8.89 -21.91 1.68
C GLY C 600 8.75 -20.40 1.58
N GLU C 601 9.22 -19.67 2.60
CA GLU C 601 9.16 -18.22 2.59
C GLU C 601 10.08 -17.71 1.48
N VAL C 602 9.59 -16.77 0.67
CA VAL C 602 10.33 -16.17 -0.42
C VAL C 602 10.80 -14.76 -0.03
N ARG C 603 12.10 -14.50 -0.20
CA ARG C 603 12.70 -13.19 0.09
C ARG C 603 13.56 -12.78 -1.10
N VAL C 604 13.30 -11.59 -1.63
CA VAL C 604 14.06 -11.08 -2.76
C VAL C 604 15.40 -10.55 -2.23
N ARG C 605 16.49 -11.05 -2.82
CA ARG C 605 17.83 -10.73 -2.38
C ARG C 605 18.49 -9.61 -3.19
N ARG C 606 18.08 -9.44 -4.44
CA ARG C 606 18.75 -8.54 -5.37
C ARG C 606 17.86 -8.34 -6.59
N MET C 607 17.71 -7.10 -7.03
CA MET C 607 16.92 -6.76 -8.22
C MET C 607 17.62 -5.70 -9.07
N LEU C 608 17.62 -5.90 -10.39
CA LEU C 608 18.12 -4.92 -11.34
C LEU C 608 17.07 -4.74 -12.43
N ALA C 609 16.77 -3.48 -12.76
CA ALA C 609 16.00 -3.10 -13.93
C ALA C 609 16.87 -2.28 -14.89
N VAL C 610 16.90 -2.71 -16.15
CA VAL C 610 17.52 -1.93 -17.22
C VAL C 610 16.38 -1.45 -18.10
N CYS C 611 16.24 -0.13 -18.24
CA CYS C 611 15.10 0.48 -18.96
C CYS C 611 15.51 1.30 -20.15
N ALA C 612 14.62 1.35 -21.15
CA ALA C 612 14.76 2.16 -22.35
C ALA C 612 13.44 2.87 -22.60
N ALA C 613 13.42 4.16 -22.29
CA ALA C 613 12.18 4.93 -22.19
C ALA C 613 12.37 6.34 -22.71
N GLY C 614 12.98 6.47 -23.87
CA GLY C 614 13.36 7.77 -24.40
C GLY C 614 14.44 8.46 -23.58
N ARG C 615 14.56 9.75 -23.80
CA ARG C 615 15.38 10.64 -23.01
C ARG C 615 14.84 10.74 -21.58
N ILE C 616 15.68 10.43 -20.59
CA ILE C 616 15.31 10.58 -19.18
C ILE C 616 15.44 12.04 -18.77
N LEU C 617 14.31 12.63 -18.37
CA LEU C 617 14.27 14.03 -18.03
C LEU C 617 14.95 14.29 -16.67
N ASN C 618 14.79 13.35 -15.72
CA ASN C 618 15.42 13.47 -14.39
C ASN C 618 15.79 12.08 -13.86
N PRO C 619 17.08 11.71 -13.99
CA PRO C 619 17.49 10.36 -13.61
C PRO C 619 17.20 9.95 -12.15
N LYS C 620 17.13 10.92 -11.25
CA LYS C 620 16.90 10.65 -9.85
C LYS C 620 15.45 10.24 -9.60
N THR C 621 14.53 11.12 -9.99
CA THR C 621 13.11 10.88 -9.82
C THR C 621 12.64 9.76 -10.78
N ALA C 622 13.34 9.59 -11.91
CA ALA C 622 13.08 8.42 -12.77
C ALA C 622 13.51 7.13 -12.06
N ARG C 623 14.71 7.11 -11.48
CA ARG C 623 15.14 5.92 -10.74
C ARG C 623 14.12 5.56 -9.65
N SER C 624 13.60 6.60 -8.98
CA SER C 624 12.58 6.42 -7.95
C SER C 624 11.31 5.74 -8.46
N GLN C 625 10.84 6.16 -9.62
CA GLN C 625 9.72 5.52 -10.26
C GLN C 625 9.94 4.02 -10.40
N VAL C 626 11.11 3.66 -10.87
CA VAL C 626 11.38 2.27 -11.20
C VAL C 626 11.59 1.44 -9.94
N ILE C 627 12.32 1.95 -8.93
CA ILE C 627 12.45 1.16 -7.69
C ILE C 627 11.09 1.06 -6.98
N GLY C 628 10.28 2.10 -7.12
CA GLY C 628 8.90 2.06 -6.68
C GLY C 628 8.11 0.95 -7.37
N ALA C 629 8.21 0.92 -8.70
CA ALA C 629 7.51 -0.07 -9.49
C ALA C 629 8.04 -1.50 -9.25
N MET C 630 9.36 -1.62 -9.07
CA MET C 630 9.97 -2.88 -8.65
C MET C 630 9.35 -3.36 -7.33
N THR C 631 9.22 -2.46 -6.37
CA THR C 631 8.58 -2.78 -5.09
C THR C 631 7.13 -3.26 -5.29
N MET C 632 6.37 -2.57 -6.13
CA MET C 632 4.98 -2.95 -6.42
C MET C 632 4.89 -4.31 -7.12
N GLY C 633 5.83 -4.55 -8.03
CA GLY C 633 6.02 -5.83 -8.67
C GLY C 633 6.31 -6.93 -7.68
N MET C 634 7.16 -6.68 -6.69
CA MET C 634 7.39 -7.66 -5.60
CA MET C 634 7.39 -7.66 -5.63
C MET C 634 6.08 -8.03 -4.91
N GLY C 635 5.25 -7.03 -4.65
CA GLY C 635 3.98 -7.26 -4.00
C GLY C 635 3.06 -8.15 -4.81
N ALA C 636 2.89 -7.79 -6.08
CA ALA C 636 2.12 -8.61 -7.02
C ALA C 636 2.60 -10.06 -7.11
N ALA C 637 3.92 -10.25 -7.06
CA ALA C 637 4.51 -11.58 -7.18
C ALA C 637 4.31 -12.46 -5.97
N LEU C 638 4.40 -11.88 -4.77
CA LEU C 638 4.58 -12.68 -3.54
C LEU C 638 3.49 -12.62 -2.49
N MET C 639 2.74 -11.52 -2.44
CA MET C 639 1.85 -11.27 -1.30
C MET C 639 0.50 -10.63 -1.63
N GLU C 640 0.40 -9.79 -2.65
CA GLU C 640 -0.86 -9.08 -2.96
C GLU C 640 -2.01 -9.93 -3.57
N GLU C 641 -3.13 -10.01 -2.84
CA GLU C 641 -4.35 -10.63 -3.32
C GLU C 641 -5.58 -10.07 -2.59
N LEU C 642 -6.56 -9.65 -3.37
CA LEU C 642 -7.90 -9.38 -2.87
C LEU C 642 -8.67 -10.71 -2.89
N ALA C 643 -8.86 -11.30 -1.71
CA ALA C 643 -9.58 -12.56 -1.56
C ALA C 643 -11.07 -12.40 -1.80
N VAL C 644 -11.55 -13.02 -2.88
CA VAL C 644 -12.98 -13.00 -3.18
C VAL C 644 -13.73 -14.02 -2.32
N ASP C 645 -14.83 -13.60 -1.70
CA ASP C 645 -15.84 -14.51 -1.21
C ASP C 645 -16.82 -14.70 -2.37
N ASP C 646 -16.82 -15.89 -2.95
CA ASP C 646 -17.79 -16.31 -4.00
C ASP C 646 -19.24 -16.28 -3.55
N ARG C 647 -19.49 -16.54 -2.27
CA ARG C 647 -20.86 -16.61 -1.74
C ARG C 647 -21.40 -15.21 -1.47
N LEU C 648 -20.60 -14.40 -0.78
CA LEU C 648 -21.04 -13.05 -0.33
C LEU C 648 -20.76 -11.92 -1.34
N GLY C 649 -19.81 -12.11 -2.26
CA GLY C 649 -19.62 -11.20 -3.38
C GLY C 649 -18.81 -9.94 -3.12
N TYR C 650 -17.72 -10.08 -2.36
CA TYR C 650 -16.88 -8.93 -2.01
C TYR C 650 -15.44 -9.36 -1.72
N PHE C 651 -14.57 -8.37 -1.63
CA PHE C 651 -13.18 -8.62 -1.24
C PHE C 651 -13.08 -8.68 0.28
N VAL C 652 -12.73 -9.85 0.80
CA VAL C 652 -12.79 -10.15 2.23
C VAL C 652 -11.75 -9.39 3.02
N ASN C 653 -10.52 -9.40 2.52
CA ASN C 653 -9.39 -8.80 3.22
C ASN C 653 -9.24 -7.32 2.84
N HIS C 654 -10.26 -6.53 3.14
CA HIS C 654 -10.37 -5.19 2.56
C HIS C 654 -9.74 -4.09 3.41
N ASP C 655 -8.48 -4.27 3.77
CA ASP C 655 -7.76 -3.23 4.47
C ASP C 655 -6.23 -3.39 4.43
N MET C 656 -5.55 -2.40 5.00
CA MET C 656 -4.07 -2.28 5.01
C MET C 656 -3.33 -3.40 5.77
N ALA C 657 -4.04 -4.24 6.54
CA ALA C 657 -3.43 -5.40 7.20
C ALA C 657 -3.64 -6.66 6.38
N GLY C 658 -4.91 -6.94 6.08
CA GLY C 658 -5.27 -8.12 5.30
C GLY C 658 -4.75 -8.17 3.87
N TYR C 659 -4.60 -7.00 3.25
CA TYR C 659 -4.04 -6.91 1.91
C TYR C 659 -2.57 -6.49 2.02
N GLU C 660 -1.68 -7.47 1.89
CA GLU C 660 -0.30 -7.25 2.26
C GLU C 660 0.44 -6.62 1.11
N VAL C 661 0.96 -5.42 1.34
CA VAL C 661 1.90 -4.78 0.41
C VAL C 661 3.28 -4.84 1.04
N PRO C 662 4.33 -4.64 0.24
CA PRO C 662 5.69 -4.74 0.81
C PRO C 662 6.11 -3.71 1.86
N VAL C 663 6.91 -4.16 2.82
CA VAL C 663 7.45 -3.32 3.89
C VAL C 663 8.96 -3.18 3.77
N HIS C 664 9.53 -2.25 4.53
CA HIS C 664 10.99 -2.04 4.56
C HIS C 664 11.79 -3.36 4.59
N ALA C 665 11.43 -4.25 5.52
CA ALA C 665 12.11 -5.57 5.68
C ALA C 665 12.18 -6.46 4.42
N ASP C 666 11.22 -6.30 3.50
CA ASP C 666 11.19 -7.03 2.23
C ASP C 666 12.19 -6.56 1.14
N ILE C 667 12.76 -5.39 1.29
CA ILE C 667 13.36 -4.70 0.17
C ILE C 667 14.83 -5.03 0.08
N PRO C 668 15.27 -5.61 -1.06
CA PRO C 668 16.68 -5.86 -1.28
C PRO C 668 17.35 -4.63 -1.86
N LYS C 669 18.60 -4.81 -2.25
CA LYS C 669 19.25 -3.85 -3.12
C LYS C 669 18.48 -3.85 -4.44
N GLN C 670 18.24 -2.63 -4.93
CA GLN C 670 17.49 -2.39 -6.16
C GLN C 670 18.30 -1.43 -7.00
N GLU C 671 18.71 -1.90 -8.18
CA GLU C 671 19.54 -1.12 -9.09
C GLU C 671 18.75 -0.81 -10.35
N VAL C 672 18.96 0.38 -10.87
CA VAL C 672 18.29 0.82 -12.09
C VAL C 672 19.35 1.34 -13.06
N ILE C 673 19.28 0.92 -14.33
CA ILE C 673 20.07 1.50 -15.39
C ILE C 673 19.11 2.00 -16.49
N PHE C 674 19.24 3.27 -16.85
CA PHE C 674 18.54 3.80 -18.00
C PHE C 674 19.48 3.80 -19.19
N LEU C 675 19.09 3.11 -20.25
CA LEU C 675 19.79 3.21 -21.50
C LEU C 675 19.47 4.52 -22.12
N ASP C 676 20.44 5.08 -22.82
CA ASP C 676 20.22 6.28 -23.58
C ASP C 676 19.31 5.90 -24.76
N ASP C 677 18.03 6.28 -24.68
CA ASP C 677 17.01 5.86 -25.64
C ASP C 677 16.32 7.04 -26.35
N THR C 678 17.01 8.17 -26.44
CA THR C 678 16.47 9.39 -27.05
C THR C 678 15.63 9.10 -28.30
N ASP C 679 14.32 9.33 -28.22
CA ASP C 679 13.42 9.02 -29.32
C ASP C 679 12.81 10.29 -29.90
N PRO C 680 13.34 10.75 -31.05
CA PRO C 680 12.80 11.95 -31.69
C PRO C 680 11.46 11.79 -32.42
N ILE C 681 10.96 10.57 -32.56
CA ILE C 681 9.63 10.33 -33.11
C ILE C 681 8.55 10.58 -32.04
N SER C 682 8.90 10.46 -30.75
CA SER C 682 7.95 10.68 -29.67
C SER C 682 7.43 12.13 -29.54
N SER C 683 8.34 13.10 -29.44
CA SER C 683 7.98 14.50 -29.13
C SER C 683 9.23 15.36 -29.24
N PRO C 684 9.10 16.70 -29.07
CA PRO C 684 10.28 17.56 -29.04
C PRO C 684 11.18 17.35 -27.81
N MET C 685 10.63 16.80 -26.74
CA MET C 685 11.44 16.45 -25.57
C MET C 685 12.24 15.19 -25.82
N LYS C 686 11.70 14.32 -26.68
CA LYS C 686 12.30 13.05 -27.12
C LYS C 686 12.23 12.00 -26.04
N ALA C 687 11.27 12.21 -25.13
CA ALA C 687 11.09 11.38 -23.95
C ALA C 687 10.02 10.34 -24.21
N LYS C 688 10.02 9.28 -23.43
CA LYS C 688 8.84 8.38 -23.31
C LYS C 688 8.63 7.99 -21.84
N GLY C 689 7.55 7.29 -21.53
CA GLY C 689 7.19 6.98 -20.14
C GLY C 689 8.05 5.96 -19.41
N VAL C 690 8.14 6.10 -18.08
CA VAL C 690 8.73 5.06 -17.20
C VAL C 690 7.83 4.55 -16.08
N GLY C 691 6.92 5.38 -15.59
CA GLY C 691 6.17 5.09 -14.40
C GLY C 691 5.40 3.79 -14.36
N GLU C 692 4.94 3.29 -15.51
CA GLU C 692 4.25 1.99 -15.63
C GLU C 692 5.15 0.87 -16.19
N LEU C 693 6.01 1.20 -17.15
CA LEU C 693 7.04 0.31 -17.66
C LEU C 693 7.84 -0.39 -16.55
N GLY C 694 8.20 0.37 -15.54
CA GLY C 694 9.03 -0.12 -14.46
C GLY C 694 8.43 -1.27 -13.69
N LEU C 695 7.10 -1.40 -13.73
CA LEU C 695 6.40 -2.55 -13.14
C LEU C 695 6.32 -3.77 -14.08
N CYS C 696 6.22 -3.51 -15.37
CA CYS C 696 6.08 -4.54 -16.39
C CYS C 696 7.23 -5.57 -16.41
N GLY C 697 6.88 -6.85 -16.21
CA GLY C 697 7.85 -7.92 -16.18
C GLY C 697 8.41 -8.28 -14.81
N VAL C 698 8.33 -7.38 -13.84
CA VAL C 698 8.98 -7.57 -12.53
C VAL C 698 8.52 -8.86 -11.88
N SER C 699 7.21 -9.03 -11.75
CA SER C 699 6.63 -10.20 -11.08
C SER C 699 7.02 -11.53 -11.72
N ALA C 700 7.06 -11.58 -13.04
CA ALA C 700 7.46 -12.82 -13.73
C ALA C 700 8.94 -13.11 -13.57
N ALA C 701 9.78 -12.07 -13.54
CA ALA C 701 11.21 -12.23 -13.23
C ALA C 701 11.39 -12.95 -11.88
N ILE C 702 10.62 -12.48 -10.91
CA ILE C 702 10.58 -13.08 -9.58
C ILE C 702 10.07 -14.53 -9.62
N ALA C 703 8.98 -14.75 -10.35
CA ALA C 703 8.41 -16.10 -10.50
C ALA C 703 9.44 -17.03 -11.14
N ASN C 704 10.14 -16.50 -12.14
CA ASN C 704 11.17 -17.28 -12.83
C ASN C 704 12.39 -17.52 -11.92
N ALA C 705 12.65 -16.59 -11.01
CA ALA C 705 13.69 -16.77 -9.97
C ALA C 705 13.33 -17.88 -8.96
N VAL C 706 12.08 -17.87 -8.51
CA VAL C 706 11.57 -18.90 -7.57
C VAL C 706 11.68 -20.29 -8.20
N TYR C 707 11.33 -20.39 -9.48
CA TYR C 707 11.51 -21.60 -10.23
C TYR C 707 12.95 -22.06 -10.24
N ASN C 708 13.86 -21.15 -10.59
CA ASN C 708 15.29 -21.48 -10.63
C ASN C 708 15.84 -21.91 -9.25
N ALA C 709 15.32 -21.28 -8.19
CA ALA C 709 15.64 -21.68 -6.80
C ALA C 709 15.11 -23.06 -6.39
N THR C 710 13.93 -23.44 -6.90
CA THR C 710 13.19 -24.60 -6.37
C THR C 710 12.84 -25.72 -7.32
N GLY C 711 12.75 -25.44 -8.62
CA GLY C 711 12.24 -26.41 -9.59
C GLY C 711 10.72 -26.44 -9.66
N ILE C 712 10.07 -25.46 -9.02
CA ILE C 712 8.61 -25.43 -8.86
C ILE C 712 8.06 -24.26 -9.65
N ARG C 713 7.28 -24.56 -10.69
CA ARG C 713 6.52 -23.53 -11.42
C ARG C 713 5.24 -23.24 -10.69
N VAL C 714 4.95 -21.97 -10.46
CA VAL C 714 3.66 -21.57 -9.94
C VAL C 714 3.09 -20.56 -10.92
N ARG C 715 1.92 -20.90 -11.47
CA ARG C 715 1.24 -20.14 -12.52
C ARG C 715 -0.01 -19.40 -11.97
N ASP C 716 -0.23 -19.47 -10.65
CA ASP C 716 -1.33 -18.75 -9.99
C ASP C 716 -0.70 -17.78 -8.99
N TYR C 717 -0.65 -16.52 -9.37
CA TYR C 717 -0.09 -15.50 -8.49
C TYR C 717 -1.09 -15.19 -7.36
N PRO C 718 -0.65 -14.77 -6.17
CA PRO C 718 0.75 -14.59 -5.82
C PRO C 718 1.42 -15.91 -5.41
N ILE C 719 2.74 -15.95 -5.54
CA ILE C 719 3.53 -17.14 -5.19
C ILE C 719 3.86 -17.13 -3.69
N THR C 720 2.89 -17.62 -2.91
CA THR C 720 2.97 -17.69 -1.46
C THR C 720 3.48 -19.06 -1.08
N LEU C 721 4.01 -19.18 0.13
CA LEU C 721 4.73 -20.39 0.55
C LEU C 721 3.91 -21.67 0.51
N ASP C 722 2.60 -21.55 0.73
CA ASP C 722 1.69 -22.69 0.63
C ASP C 722 1.70 -23.35 -0.74
N LYS C 723 1.98 -22.58 -1.78
CA LYS C 723 2.04 -23.12 -3.12
C LYS C 723 3.34 -23.83 -3.42
N LEU C 724 4.34 -23.66 -2.57
CA LEU C 724 5.64 -24.25 -2.76
C LEU C 724 5.90 -25.42 -1.83
N LEU C 725 5.19 -25.44 -0.69
CA LEU C 725 5.60 -26.23 0.47
C LEU C 725 5.75 -27.73 0.19
N ASP C 726 4.75 -28.35 -0.45
CA ASP C 726 4.79 -29.81 -0.70
C ASP C 726 5.79 -30.28 -1.77
N LYS C 727 6.47 -29.38 -2.49
CA LYS C 727 7.49 -29.78 -3.48
C LYS C 727 8.95 -29.45 -3.12
N LEU C 728 9.17 -28.84 -1.96
CA LEU C 728 10.52 -28.48 -1.50
C LEU C 728 11.29 -29.73 -1.00
N PRO C 729 12.61 -29.60 -0.74
CA PRO C 729 13.38 -30.71 -0.13
C PRO C 729 12.92 -31.09 1.29
N ASP C 730 13.67 -31.95 1.99
CA ASP C 730 13.40 -32.28 3.39
C ASP C 730 14.68 -32.34 4.23
#